data_1E0O
#
_entry.id   1E0O
#
_cell.length_a   195.900
_cell.length_b   195.900
_cell.length_c   68.860
_cell.angle_alpha   90.00
_cell.angle_beta   90.00
_cell.angle_gamma   120.00
#
_symmetry.space_group_name_H-M   'P 62'
#
loop_
_entity.id
_entity.type
_entity.pdbx_description
1 polymer 'FIBROBLAST GROWTH FACTOR 1'
2 polymer 'FIBROBLAST GROWTH FACTOR RECEPTOR 2'
3 branched '2-O-sulfo-alpha-L-idopyranuronic acid-(1-4)-2-deoxy-6-O-sulfo-2-(sulfoamino)-alpha-D-glucopyranose-(1-4)-2-O-sulfo-alpha-L-idopyranuronic acid-(1-4)-2-deoxy-6-O-sulfo-2-(sulfoamino)-alpha-D-glucopyranose-(1-4)-2-O-sulfo-alpha-L-idopyranuronic acid-(1-4)-2-deoxy-6-O-sulfo-2-(sulfoamino)-alpha-D-glucopyranose-(1-4)-2-O-sulfo-alpha-L-idopyranuronic acid-(1-4)-2-deoxy-6-O-sulfo-2-(sulfoamino)-alpha-D-glucopyranose-(1-4)-2-O-sulfo-alpha-L-idopyranuronic acid-(1-4)-2-deoxy-6-O-sulfo-2-(sulfoamino)-alpha-D-glucopyranose'
4 non-polymer 'NICKEL (II) ION'
5 non-polymer 'SULFATE ION'
6 water water
#
loop_
_entity_poly.entity_id
_entity_poly.type
_entity_poly.pdbx_seq_one_letter_code
_entity_poly.pdbx_strand_id
1 'polypeptide(L)'
;FNLPPGNYKKPKLLYCSNGGHFLRILPDGTVDGTRDRSDQHIQLQLSAESVGEVYIKSTETGQYLAMDTDGLLYGSQTPN
EECLFLERLEENHYNTYISKKHAEKNWFVGLKKNGSCKRGPRTHYGQKAILFLPLPVSSD
;
A,C
2 'polypeptide(L)'
;SNNKRAPYWTNTEKMEKRLHAVPAANTVKFRCPAGGNPMPTMRWLKNGKEFKQEHRIGGYKVRNQHWSLIMESVVPSDKG
NYTCVVENEYGSINHTYHLDVVERSPHRPILQAGLPANASTVVGGDVEFVCKVYSDAQPHIQWIKHVEKNGSKYGPDGLP
YLKVLKAAGVNTTDKEIEVLYIRNVTFEDAGEYTCLAGNSIGISFHSAWLTVLPAPGRE
;
B,D
#
# COMPACT_ATOMS: atom_id res chain seq x y z
N LYS A 10 -10.57 -11.68 -35.24
CA LYS A 10 -9.16 -11.22 -35.06
C LYS A 10 -8.89 -11.00 -33.58
N PRO A 11 -7.61 -11.06 -33.16
CA PRO A 11 -7.27 -10.86 -31.75
C PRO A 11 -7.06 -9.38 -31.39
N LYS A 12 -7.27 -9.07 -30.12
CA LYS A 12 -7.10 -7.71 -29.60
C LYS A 12 -6.37 -7.81 -28.27
N LEU A 13 -5.85 -6.69 -27.77
CA LEU A 13 -5.14 -6.71 -26.50
C LEU A 13 -6.05 -6.04 -25.51
N LEU A 14 -5.96 -6.40 -24.23
CA LEU A 14 -6.84 -5.78 -23.24
C LEU A 14 -6.11 -4.86 -22.23
N TYR A 15 -5.57 -3.77 -22.75
CA TYR A 15 -4.82 -2.76 -22.00
C TYR A 15 -5.55 -2.14 -20.81
N CYS A 16 -4.94 -2.24 -19.63
CA CYS A 16 -5.52 -1.66 -18.41
C CYS A 16 -4.91 -0.26 -18.19
N SER A 17 -5.78 0.71 -17.90
CA SER A 17 -5.38 2.10 -17.67
C SER A 17 -4.57 2.35 -16.41
N ASN A 18 -5.02 1.75 -15.31
CA ASN A 18 -4.36 1.90 -14.02
C ASN A 18 -2.84 1.86 -14.22
N GLY A 19 -2.33 0.68 -14.59
CA GLY A 19 -0.91 0.57 -14.77
C GLY A 19 -0.47 0.76 -16.20
N GLY A 20 -1.37 0.50 -17.13
CA GLY A 20 -1.01 0.62 -18.52
C GLY A 20 -0.36 -0.67 -18.97
N HIS A 21 -0.91 -1.79 -18.47
CA HIS A 21 -0.41 -3.11 -18.80
C HIS A 21 -1.41 -3.83 -19.66
N PHE A 22 -0.95 -4.87 -20.35
CA PHE A 22 -1.80 -5.70 -21.19
C PHE A 22 -2.25 -6.87 -20.29
N LEU A 23 -3.48 -7.34 -20.49
CA LEU A 23 -3.98 -8.46 -19.69
C LEU A 23 -3.36 -9.75 -20.17
N ARG A 24 -2.72 -10.49 -19.24
CA ARG A 24 -2.06 -11.75 -19.58
C ARG A 24 -2.42 -12.98 -18.75
N ILE A 25 -2.45 -14.12 -19.43
CA ILE A 25 -2.74 -15.42 -18.82
C ILE A 25 -1.49 -16.26 -19.10
N LEU A 26 -0.82 -16.67 -18.04
CA LEU A 26 0.41 -17.46 -18.18
C LEU A 26 0.18 -18.95 -18.38
N PRO A 27 1.13 -19.64 -19.03
CA PRO A 27 0.93 -21.09 -19.24
C PRO A 27 0.79 -21.68 -17.85
N ASP A 28 1.38 -20.98 -16.89
CA ASP A 28 1.34 -21.35 -15.47
C ASP A 28 -0.09 -21.14 -14.96
N GLY A 29 -0.95 -20.68 -15.86
CA GLY A 29 -2.34 -20.44 -15.51
C GLY A 29 -2.55 -19.20 -14.65
N THR A 30 -1.46 -18.53 -14.30
CA THR A 30 -1.56 -17.34 -13.49
C THR A 30 -1.98 -16.13 -14.33
N VAL A 31 -2.74 -15.22 -13.73
CA VAL A 31 -3.22 -14.02 -14.43
C VAL A 31 -2.59 -12.72 -13.88
N ASP A 32 -1.71 -12.14 -14.70
CA ASP A 32 -0.97 -10.92 -14.37
C ASP A 32 -1.16 -9.81 -15.41
N GLY A 33 -0.10 -9.06 -15.65
CA GLY A 33 -0.15 -7.98 -16.63
C GLY A 33 1.26 -7.55 -16.97
N THR A 34 1.52 -7.38 -18.26
CA THR A 34 2.83 -6.95 -18.74
C THR A 34 2.75 -5.60 -19.45
N ARG A 35 3.83 -5.25 -20.16
CA ARG A 35 3.90 -4.02 -20.93
C ARG A 35 4.65 -4.38 -22.20
N ASP A 36 5.13 -5.62 -22.25
CA ASP A 36 5.88 -6.12 -23.40
C ASP A 36 4.93 -6.34 -24.57
N ARG A 37 4.87 -5.37 -25.48
CA ARG A 37 4.01 -5.46 -26.65
C ARG A 37 4.34 -6.70 -27.47
N SER A 38 5.53 -7.25 -27.23
CA SER A 38 6.01 -8.44 -27.94
C SER A 38 5.48 -9.75 -27.34
N ASP A 39 5.21 -9.75 -26.04
CA ASP A 39 4.70 -10.92 -25.33
C ASP A 39 3.64 -11.61 -26.18
N GLN A 40 3.60 -12.94 -26.13
CA GLN A 40 2.63 -13.69 -26.90
C GLN A 40 1.35 -13.92 -26.09
N HIS A 41 1.51 -14.12 -24.78
CA HIS A 41 0.39 -14.40 -23.87
C HIS A 41 -0.50 -13.22 -23.46
N ILE A 42 -0.72 -12.29 -24.39
CA ILE A 42 -1.58 -11.13 -24.18
C ILE A 42 -2.54 -11.02 -25.36
N GLN A 43 -2.13 -11.59 -26.50
CA GLN A 43 -2.91 -11.58 -27.72
C GLN A 43 -4.26 -12.29 -27.52
N LEU A 44 -5.10 -11.73 -26.66
CA LEU A 44 -6.41 -12.30 -26.34
C LEU A 44 -7.36 -12.49 -27.52
N GLN A 45 -8.32 -13.39 -27.31
CA GLN A 45 -9.33 -13.70 -28.32
C GLN A 45 -10.69 -13.57 -27.65
N LEU A 46 -11.38 -12.48 -27.95
CA LEU A 46 -12.69 -12.24 -27.38
C LEU A 46 -13.75 -12.95 -28.21
N SER A 47 -14.62 -13.68 -27.52
CA SER A 47 -15.71 -14.41 -28.18
C SER A 47 -16.96 -14.21 -27.33
N ALA A 48 -18.11 -14.14 -28.00
CA ALA A 48 -19.36 -13.91 -27.31
C ALA A 48 -20.38 -15.04 -27.38
N GLU A 49 -20.93 -15.36 -26.21
CA GLU A 49 -21.94 -16.39 -26.07
C GLU A 49 -23.19 -15.70 -26.58
N SER A 50 -23.81 -14.94 -25.68
CA SER A 50 -24.98 -14.15 -26.01
C SER A 50 -24.35 -12.80 -26.23
N VAL A 51 -25.18 -11.77 -26.38
CA VAL A 51 -24.66 -10.43 -26.58
C VAL A 51 -24.35 -9.85 -25.21
N GLY A 52 -23.11 -9.40 -25.01
CA GLY A 52 -22.72 -8.83 -23.73
C GLY A 52 -22.07 -9.83 -22.79
N GLU A 53 -21.92 -11.06 -23.26
CA GLU A 53 -21.30 -12.13 -22.49
C GLU A 53 -20.12 -12.58 -23.31
N VAL A 54 -18.94 -12.57 -22.72
CA VAL A 54 -17.77 -12.96 -23.46
C VAL A 54 -16.81 -13.97 -22.89
N TYR A 55 -16.01 -14.50 -23.81
CA TYR A 55 -14.97 -15.47 -23.54
C TYR A 55 -13.68 -14.85 -24.06
N ILE A 56 -12.70 -14.72 -23.18
CA ILE A 56 -11.39 -14.16 -23.53
C ILE A 56 -10.38 -15.31 -23.38
N LYS A 57 -9.93 -15.85 -24.51
CA LYS A 57 -8.99 -16.95 -24.45
C LYS A 57 -7.71 -16.62 -25.17
N SER A 58 -6.62 -17.15 -24.63
CA SER A 58 -5.30 -16.90 -25.21
C SER A 58 -5.11 -17.65 -26.53
N THR A 59 -4.80 -16.92 -27.60
CA THR A 59 -4.60 -17.52 -28.90
C THR A 59 -3.31 -18.35 -28.93
N GLU A 60 -2.77 -18.63 -27.75
CA GLU A 60 -1.55 -19.42 -27.65
C GLU A 60 -1.80 -20.66 -26.81
N THR A 61 -2.03 -20.47 -25.51
CA THR A 61 -2.30 -21.60 -24.62
C THR A 61 -3.81 -21.83 -24.58
N GLY A 62 -4.51 -21.22 -25.54
CA GLY A 62 -5.95 -21.35 -25.63
C GLY A 62 -6.69 -21.33 -24.30
N GLN A 63 -6.10 -20.70 -23.29
CA GLN A 63 -6.73 -20.64 -21.97
C GLN A 63 -7.82 -19.56 -21.85
N TYR A 64 -8.88 -19.92 -21.16
CA TYR A 64 -10.00 -19.02 -20.95
C TYR A 64 -9.86 -18.29 -19.64
N LEU A 65 -9.82 -16.97 -19.74
CA LEU A 65 -9.71 -16.14 -18.54
C LEU A 65 -10.86 -16.54 -17.62
N ALA A 66 -10.54 -16.89 -16.38
CA ALA A 66 -11.57 -17.28 -15.42
C ALA A 66 -11.33 -16.65 -14.05
N MET A 67 -12.35 -16.72 -13.19
CA MET A 67 -12.26 -16.21 -11.82
C MET A 67 -12.95 -17.18 -10.86
N ASP A 68 -12.18 -17.80 -9.97
CA ASP A 68 -12.73 -18.77 -9.03
C ASP A 68 -13.70 -18.14 -8.03
N THR A 69 -14.11 -18.91 -7.03
CA THR A 69 -15.07 -18.48 -6.01
C THR A 69 -14.60 -17.41 -5.03
N ASP A 70 -13.32 -17.05 -5.09
CA ASP A 70 -12.79 -16.02 -4.20
C ASP A 70 -12.44 -14.74 -4.95
N GLY A 71 -12.81 -14.68 -6.23
CA GLY A 71 -12.51 -13.50 -7.01
C GLY A 71 -11.03 -13.45 -7.30
N LEU A 72 -10.53 -14.50 -7.96
CA LEU A 72 -9.12 -14.63 -8.32
C LEU A 72 -8.95 -15.04 -9.77
N LEU A 73 -8.49 -14.12 -10.59
CA LEU A 73 -8.33 -14.46 -11.99
C LEU A 73 -7.35 -15.63 -12.15
N TYR A 74 -7.64 -16.49 -13.11
CA TYR A 74 -6.80 -17.65 -13.40
C TYR A 74 -7.04 -18.18 -14.81
N GLY A 75 -6.04 -18.85 -15.36
CA GLY A 75 -6.18 -19.40 -16.69
C GLY A 75 -6.60 -20.86 -16.65
N SER A 76 -7.83 -21.16 -17.07
CA SER A 76 -8.28 -22.54 -17.11
C SER A 76 -8.18 -22.97 -18.59
N GLN A 77 -8.20 -24.27 -18.83
CA GLN A 77 -8.11 -24.77 -20.21
C GLN A 77 -9.46 -25.30 -20.69
N THR A 78 -10.39 -25.46 -19.73
CA THR A 78 -11.74 -25.94 -20.01
C THR A 78 -12.73 -24.80 -19.82
N PRO A 79 -13.27 -24.27 -20.94
CA PRO A 79 -14.24 -23.18 -20.95
C PRO A 79 -15.44 -23.54 -20.06
N ASN A 80 -15.66 -22.82 -18.98
CA ASN A 80 -16.78 -23.17 -18.10
C ASN A 80 -17.34 -21.98 -17.36
N GLU A 81 -18.41 -22.21 -16.60
CA GLU A 81 -19.13 -21.21 -15.82
C GLU A 81 -18.28 -20.06 -15.25
N GLU A 82 -17.04 -20.37 -14.88
CA GLU A 82 -16.13 -19.37 -14.33
C GLU A 82 -15.35 -18.63 -15.42
N CYS A 83 -15.70 -18.89 -16.69
CA CYS A 83 -15.06 -18.25 -17.84
C CYS A 83 -15.97 -17.21 -18.53
N LEU A 84 -17.19 -17.09 -18.01
CA LEU A 84 -18.17 -16.15 -18.54
C LEU A 84 -18.09 -14.77 -17.89
N PHE A 85 -17.73 -13.78 -18.72
CA PHE A 85 -17.62 -12.41 -18.27
C PHE A 85 -18.58 -11.50 -19.03
N LEU A 86 -19.07 -10.48 -18.33
CA LEU A 86 -19.97 -9.53 -18.92
C LEU A 86 -19.20 -8.29 -19.37
N GLU A 87 -18.95 -8.18 -20.67
CA GLU A 87 -18.24 -7.03 -21.24
C GLU A 87 -19.17 -5.82 -21.28
N ARG A 88 -18.71 -4.71 -20.72
CA ARG A 88 -19.51 -3.50 -20.70
C ARG A 88 -18.71 -2.28 -21.06
N LEU A 89 -19.32 -1.40 -21.83
CA LEU A 89 -18.69 -0.16 -22.25
C LEU A 89 -19.23 0.93 -21.31
N GLU A 90 -18.38 1.45 -20.44
CA GLU A 90 -18.85 2.48 -19.51
C GLU A 90 -18.84 3.85 -20.15
N GLU A 91 -19.67 4.74 -19.61
CA GLU A 91 -19.78 6.10 -20.11
C GLU A 91 -18.46 6.74 -20.62
N ASN A 92 -17.35 6.49 -19.92
CA ASN A 92 -16.04 7.07 -20.29
C ASN A 92 -15.38 6.38 -21.47
N HIS A 93 -16.09 5.44 -22.07
CA HIS A 93 -15.61 4.71 -23.22
C HIS A 93 -14.53 3.67 -22.98
N TYR A 94 -14.44 3.19 -21.74
CA TYR A 94 -13.51 2.12 -21.39
C TYR A 94 -14.39 0.86 -21.23
N ASN A 95 -13.77 -0.33 -21.22
CA ASN A 95 -14.50 -1.56 -21.04
C ASN A 95 -14.29 -2.11 -19.65
N THR A 96 -15.33 -2.64 -19.03
CA THR A 96 -15.23 -3.20 -17.69
C THR A 96 -15.83 -4.60 -17.75
N TYR A 97 -15.06 -5.61 -17.36
CA TYR A 97 -15.52 -7.00 -17.40
C TYR A 97 -15.83 -7.65 -16.04
N ILE A 98 -17.10 -7.95 -15.79
CA ILE A 98 -17.48 -8.58 -14.53
C ILE A 98 -17.57 -10.10 -14.67
N SER A 99 -17.61 -10.78 -13.52
CA SER A 99 -17.72 -12.23 -13.46
C SER A 99 -19.20 -12.59 -13.53
N LYS A 100 -19.59 -13.24 -14.63
CA LYS A 100 -20.98 -13.61 -14.78
C LYS A 100 -21.35 -14.29 -13.47
N LYS A 101 -20.60 -15.34 -13.15
CA LYS A 101 -20.82 -16.12 -11.93
C LYS A 101 -21.05 -15.28 -10.67
N HIS A 102 -20.05 -14.51 -10.27
CA HIS A 102 -20.13 -13.69 -9.07
C HIS A 102 -20.62 -12.28 -9.36
N ALA A 103 -21.37 -12.13 -10.45
CA ALA A 103 -21.89 -10.84 -10.86
C ALA A 103 -22.68 -10.09 -9.78
N GLU A 104 -23.49 -10.81 -9.01
CA GLU A 104 -24.31 -10.20 -7.97
C GLU A 104 -23.56 -9.23 -7.06
N LYS A 105 -22.29 -9.54 -6.79
CA LYS A 105 -21.46 -8.70 -5.91
C LYS A 105 -20.76 -7.57 -6.66
N ASN A 106 -20.44 -7.83 -7.93
CA ASN A 106 -19.76 -6.89 -8.82
C ASN A 106 -18.26 -7.16 -8.85
N TRP A 107 -17.89 -8.41 -9.11
CA TRP A 107 -16.50 -8.77 -9.13
C TRP A 107 -15.87 -8.56 -10.50
N PHE A 108 -15.27 -7.37 -10.67
CA PHE A 108 -14.61 -7.01 -11.93
C PHE A 108 -13.23 -7.61 -12.06
N VAL A 109 -12.77 -7.70 -13.31
CA VAL A 109 -11.42 -8.17 -13.61
C VAL A 109 -10.62 -6.91 -13.40
N GLY A 110 -9.38 -7.06 -12.95
CA GLY A 110 -8.56 -5.88 -12.73
C GLY A 110 -7.07 -6.15 -12.82
N LEU A 111 -6.33 -5.25 -12.17
CA LEU A 111 -4.87 -5.30 -12.11
C LEU A 111 -4.47 -4.12 -11.22
N LYS A 112 -3.51 -4.34 -10.32
CA LYS A 112 -3.02 -3.29 -9.43
C LYS A 112 -1.91 -2.57 -10.21
N LYS A 113 -1.68 -1.30 -9.90
CA LYS A 113 -0.67 -0.46 -10.56
C LYS A 113 0.63 -1.15 -11.02
N ASN A 114 0.93 -2.34 -10.51
CA ASN A 114 2.16 -3.07 -10.86
C ASN A 114 2.00 -4.20 -11.90
N GLY A 115 0.76 -4.57 -12.21
CA GLY A 115 0.55 -5.61 -13.19
C GLY A 115 0.22 -6.98 -12.64
N SER A 116 -0.52 -6.99 -11.54
CA SER A 116 -0.90 -8.24 -10.89
C SER A 116 -2.42 -8.32 -10.74
N CYS A 117 -2.99 -9.51 -10.91
CA CYS A 117 -4.42 -9.68 -10.74
C CYS A 117 -4.91 -8.94 -9.48
N LYS A 118 -6.15 -8.50 -9.49
CA LYS A 118 -6.69 -7.82 -8.33
C LYS A 118 -8.01 -8.46 -7.85
N ARG A 119 -7.89 -9.29 -6.81
CA ARG A 119 -9.02 -10.02 -6.18
C ARG A 119 -10.40 -9.38 -6.35
N GLY A 120 -11.30 -10.11 -7.01
CA GLY A 120 -12.64 -9.61 -7.24
C GLY A 120 -13.24 -8.85 -6.06
N PRO A 121 -13.15 -9.40 -4.84
CA PRO A 121 -13.70 -8.75 -3.64
C PRO A 121 -13.11 -7.34 -3.45
N ARG A 122 -11.79 -7.24 -3.55
CA ARG A 122 -11.08 -5.97 -3.40
C ARG A 122 -11.05 -5.32 -4.79
N THR A 123 -12.14 -4.65 -5.13
CA THR A 123 -12.29 -4.03 -6.44
C THR A 123 -13.58 -3.24 -6.43
N HIS A 124 -13.73 -2.30 -7.34
CA HIS A 124 -14.98 -1.56 -7.37
C HIS A 124 -15.10 -0.65 -8.57
N TYR A 125 -16.32 -0.17 -8.82
CA TYR A 125 -16.67 0.69 -9.95
C TYR A 125 -15.80 1.92 -10.23
N GLY A 126 -15.53 2.72 -9.20
CA GLY A 126 -14.75 3.93 -9.38
C GLY A 126 -13.27 3.70 -9.60
N GLN A 127 -12.85 2.43 -9.56
CA GLN A 127 -11.44 2.07 -9.74
C GLN A 127 -10.92 2.05 -11.18
N LYS A 128 -9.75 2.64 -11.38
CA LYS A 128 -9.10 2.68 -12.69
C LYS A 128 -8.57 1.29 -13.02
N ALA A 129 -8.65 0.38 -12.07
CA ALA A 129 -8.13 -0.97 -12.29
C ALA A 129 -9.04 -1.85 -13.16
N ILE A 130 -10.31 -1.51 -13.20
CA ILE A 130 -11.28 -2.28 -13.97
C ILE A 130 -11.49 -1.79 -15.41
N LEU A 131 -10.85 -0.68 -15.76
CA LEU A 131 -11.02 -0.11 -17.08
C LEU A 131 -10.03 -0.64 -18.09
N PHE A 132 -10.57 -1.11 -19.21
CA PHE A 132 -9.74 -1.65 -20.29
C PHE A 132 -10.02 -1.03 -21.65
N LEU A 133 -9.10 -1.25 -22.58
CA LEU A 133 -9.20 -0.74 -23.94
C LEU A 133 -8.76 -1.81 -24.91
N PRO A 134 -9.62 -2.12 -25.89
CA PRO A 134 -9.26 -3.15 -26.87
C PRO A 134 -8.40 -2.53 -27.94
N LEU A 135 -7.15 -2.95 -27.99
CA LEU A 135 -6.24 -2.42 -28.99
C LEU A 135 -5.90 -3.49 -30.01
N PRO A 136 -5.60 -3.06 -31.24
CA PRO A 136 -5.22 -3.92 -32.36
C PRO A 136 -4.17 -4.95 -31.96
N VAL A 137 -3.86 -5.84 -32.89
CA VAL A 137 -2.87 -6.88 -32.64
C VAL A 137 -1.51 -6.20 -32.55
N SER A 138 -1.12 -5.56 -33.65
CA SER A 138 0.15 -4.85 -33.73
C SER A 138 0.14 -3.87 -34.90
N ASN B 2 34.17 18.70 -9.02
CA ASN B 2 33.77 18.45 -7.64
C ASN B 2 32.26 18.63 -7.47
N ASN B 3 31.72 19.70 -8.05
CA ASN B 3 30.30 19.99 -7.97
C ASN B 3 29.67 19.88 -9.36
N LYS B 4 30.30 19.10 -10.23
CA LYS B 4 29.79 18.89 -11.59
C LYS B 4 28.68 17.83 -11.50
N ARG B 5 27.81 17.76 -12.50
CA ARG B 5 26.73 16.76 -12.48
C ARG B 5 25.84 16.73 -13.73
N ALA B 6 25.98 15.66 -14.50
CA ALA B 6 25.20 15.46 -15.71
C ALA B 6 23.80 14.94 -15.36
N PRO B 7 22.78 15.33 -16.15
CA PRO B 7 21.38 14.96 -15.99
C PRO B 7 21.13 13.55 -15.48
N TYR B 8 20.23 13.40 -14.53
CA TYR B 8 19.88 12.08 -14.02
C TYR B 8 18.39 12.06 -13.73
N TRP B 9 17.79 10.88 -13.68
CA TRP B 9 16.37 10.79 -13.40
C TRP B 9 16.11 10.93 -11.88
N THR B 10 15.14 11.77 -11.49
CA THR B 10 14.83 11.96 -10.07
C THR B 10 13.56 11.25 -9.63
N ASN B 11 13.04 10.32 -10.43
CA ASN B 11 11.81 9.61 -10.10
C ASN B 11 11.44 8.53 -11.13
N THR B 12 12.25 7.50 -11.23
CA THR B 12 12.00 6.46 -12.22
C THR B 12 10.62 5.82 -12.20
N GLU B 13 9.99 5.72 -11.04
CA GLU B 13 8.67 5.07 -10.96
C GLU B 13 7.61 5.81 -11.78
N LYS B 14 7.75 7.14 -11.87
CA LYS B 14 6.80 7.96 -12.61
C LYS B 14 6.93 7.84 -14.14
N MET B 15 8.02 7.20 -14.60
CA MET B 15 8.22 7.02 -16.04
C MET B 15 7.99 5.57 -16.41
N GLU B 16 7.49 4.78 -15.48
CA GLU B 16 7.24 3.35 -15.66
C GLU B 16 6.31 3.00 -16.83
N LYS B 17 5.25 3.81 -16.96
CA LYS B 17 4.24 3.65 -17.99
C LYS B 17 4.74 4.19 -19.35
N ARG B 18 5.23 3.32 -20.22
CA ARG B 18 5.71 3.86 -21.51
C ARG B 18 4.61 4.06 -22.54
N LEU B 19 3.71 3.08 -22.66
CA LEU B 19 2.61 3.18 -23.63
C LEU B 19 1.32 3.81 -23.07
N HIS B 20 0.95 4.96 -23.62
CA HIS B 20 -0.26 5.66 -23.23
C HIS B 20 -1.39 5.46 -24.19
N ALA B 21 -2.34 4.63 -23.81
CA ALA B 21 -3.49 4.31 -24.65
C ALA B 21 -4.76 4.94 -24.05
N VAL B 22 -5.33 5.91 -24.74
CA VAL B 22 -6.49 6.54 -24.19
C VAL B 22 -7.58 6.94 -25.16
N PRO B 23 -8.78 7.11 -24.63
CA PRO B 23 -9.94 7.51 -25.43
C PRO B 23 -9.76 8.96 -25.81
N ALA B 24 -10.07 9.31 -27.04
CA ALA B 24 -9.95 10.68 -27.51
C ALA B 24 -10.76 11.62 -26.63
N ALA B 25 -10.32 12.87 -26.53
CA ALA B 25 -10.98 13.91 -25.71
C ALA B 25 -10.32 13.99 -24.34
N ASN B 26 -9.53 12.98 -24.02
CA ASN B 26 -8.83 12.97 -22.73
C ASN B 26 -7.71 13.99 -22.71
N THR B 27 -7.11 14.14 -21.53
CA THR B 27 -5.95 15.00 -21.32
C THR B 27 -4.85 14.03 -20.90
N VAL B 28 -3.65 14.21 -21.44
CA VAL B 28 -2.54 13.35 -21.11
C VAL B 28 -1.35 14.18 -20.61
N LYS B 29 -0.67 13.65 -19.61
CA LYS B 29 0.53 14.25 -19.05
C LYS B 29 1.70 13.27 -19.08
N PHE B 30 2.85 13.74 -19.54
CA PHE B 30 4.05 12.94 -19.64
C PHE B 30 5.02 13.65 -18.70
N ARG B 31 5.83 12.88 -17.93
CA ARG B 31 6.75 13.50 -16.99
C ARG B 31 8.15 12.93 -17.14
N CYS B 32 9.15 13.84 -16.93
CA CYS B 32 10.56 13.48 -16.99
C CYS B 32 11.30 14.26 -15.91
N PRO B 33 11.18 13.81 -14.64
CA PRO B 33 11.79 14.41 -13.45
C PRO B 33 13.31 14.18 -13.46
N ALA B 34 14.03 15.25 -13.75
CA ALA B 34 15.45 15.15 -13.82
C ALA B 34 16.11 15.93 -12.72
N GLY B 35 17.37 15.60 -12.49
CA GLY B 35 18.16 16.30 -11.50
C GLY B 35 19.46 16.60 -12.21
N GLY B 36 20.26 17.48 -11.64
CA GLY B 36 21.52 17.81 -12.27
C GLY B 36 21.97 19.22 -11.95
N ASN B 37 23.28 19.44 -12.00
CA ASN B 37 23.84 20.74 -11.71
C ASN B 37 24.94 21.11 -12.69
N PRO B 38 24.77 22.20 -13.44
CA PRO B 38 23.66 23.17 -13.44
C PRO B 38 22.32 22.46 -13.63
N MET B 39 21.22 23.13 -13.27
CA MET B 39 19.92 22.52 -13.45
C MET B 39 19.77 22.29 -14.94
N PRO B 40 19.47 21.04 -15.32
CA PRO B 40 19.28 20.60 -16.71
C PRO B 40 18.11 21.30 -17.38
N THR B 41 18.14 21.36 -18.71
CA THR B 41 17.05 21.97 -19.41
C THR B 41 16.18 20.85 -20.04
N MET B 42 14.93 21.15 -20.36
CA MET B 42 14.02 20.17 -20.94
C MET B 42 13.33 20.62 -22.22
N ARG B 43 13.22 19.72 -23.17
CA ARG B 43 12.53 19.99 -24.44
C ARG B 43 11.80 18.70 -24.86
N TRP B 44 10.76 18.83 -25.68
CA TRP B 44 10.02 17.64 -26.10
C TRP B 44 9.99 17.37 -27.58
N LEU B 45 10.06 16.10 -27.95
CA LEU B 45 10.07 15.70 -29.36
C LEU B 45 8.95 14.79 -29.80
N LYS B 46 8.27 15.18 -30.88
CA LYS B 46 7.19 14.37 -31.42
C LYS B 46 7.81 13.59 -32.58
N ASN B 47 7.77 12.27 -32.49
CA ASN B 47 8.35 11.43 -33.52
C ASN B 47 9.74 11.89 -33.96
N GLY B 48 10.56 12.34 -33.02
CA GLY B 48 11.90 12.72 -33.39
C GLY B 48 12.17 14.19 -33.59
N LYS B 49 11.35 14.87 -34.38
CA LYS B 49 11.61 16.27 -34.60
C LYS B 49 10.91 17.20 -33.58
N GLU B 50 11.38 18.44 -33.53
CA GLU B 50 10.86 19.47 -32.62
C GLU B 50 9.35 19.45 -32.63
N PHE B 51 8.74 19.56 -31.45
CA PHE B 51 7.27 19.55 -31.29
C PHE B 51 6.72 20.97 -31.16
N LYS B 52 6.76 21.73 -32.25
CA LYS B 52 6.25 23.09 -32.18
C LYS B 52 4.84 23.19 -31.54
N GLN B 53 4.61 24.30 -30.85
CA GLN B 53 3.35 24.53 -30.20
C GLN B 53 2.25 24.40 -31.25
N GLU B 54 2.44 25.07 -32.38
CA GLU B 54 1.43 25.03 -33.43
C GLU B 54 1.31 23.72 -34.16
N HIS B 55 1.93 22.66 -33.65
CA HIS B 55 1.83 21.34 -34.30
C HIS B 55 0.58 20.52 -33.96
N ARG B 56 -0.39 21.10 -33.26
CA ARG B 56 -1.61 20.39 -32.90
C ARG B 56 -2.60 21.42 -32.41
N ILE B 57 -3.87 21.23 -32.76
CA ILE B 57 -4.89 22.16 -32.32
C ILE B 57 -4.78 22.19 -30.80
N GLY B 58 -5.08 23.34 -30.19
CA GLY B 58 -5.00 23.43 -28.73
C GLY B 58 -3.61 23.54 -28.13
N GLY B 59 -2.58 23.40 -28.96
CA GLY B 59 -1.21 23.49 -28.48
C GLY B 59 -0.94 22.49 -27.38
N TYR B 60 0.04 22.76 -26.52
CA TYR B 60 0.36 21.88 -25.39
C TYR B 60 1.04 22.73 -24.31
N LYS B 61 0.76 22.43 -23.06
CA LYS B 61 1.35 23.17 -21.94
C LYS B 61 2.59 22.40 -21.45
N VAL B 62 3.50 23.12 -20.80
CA VAL B 62 4.70 22.47 -20.26
C VAL B 62 4.89 23.02 -18.85
N ARG B 63 5.11 22.13 -17.90
CA ARG B 63 5.32 22.56 -16.52
C ARG B 63 6.70 22.17 -16.03
N ASN B 64 7.66 23.03 -16.39
CA ASN B 64 9.06 22.89 -16.06
C ASN B 64 9.33 22.61 -14.59
N GLN B 65 8.61 23.27 -13.69
CA GLN B 65 8.85 22.97 -12.28
C GLN B 65 8.48 21.52 -11.98
N HIS B 66 7.57 20.93 -12.76
CA HIS B 66 7.20 19.54 -12.53
C HIS B 66 7.69 18.62 -13.66
N TRP B 67 8.58 19.16 -14.50
CA TRP B 67 9.17 18.44 -15.63
C TRP B 67 8.14 17.70 -16.48
N SER B 68 7.04 18.37 -16.82
CA SER B 68 6.01 17.65 -17.57
C SER B 68 5.51 18.28 -18.85
N LEU B 69 4.90 17.45 -19.70
CA LEU B 69 4.31 17.90 -20.94
C LEU B 69 2.82 17.58 -20.79
N ILE B 70 1.96 18.44 -21.31
CA ILE B 70 0.54 18.19 -21.17
C ILE B 70 -0.24 18.54 -22.39
N MET B 71 -1.09 17.60 -22.82
CA MET B 71 -1.94 17.77 -24.00
C MET B 71 -3.41 17.53 -23.58
N GLU B 72 -4.26 18.54 -23.84
CA GLU B 72 -5.67 18.45 -23.50
C GLU B 72 -6.53 18.08 -24.73
N SER B 73 -7.77 17.65 -24.43
CA SER B 73 -8.71 17.27 -25.47
C SER B 73 -7.92 16.57 -26.55
N VAL B 74 -7.30 15.45 -26.19
CA VAL B 74 -6.48 14.68 -27.11
C VAL B 74 -7.28 14.21 -28.33
N VAL B 75 -6.62 14.15 -29.50
CA VAL B 75 -7.27 13.69 -30.75
C VAL B 75 -6.45 12.65 -31.49
N PRO B 76 -7.13 11.85 -32.34
CA PRO B 76 -6.44 10.81 -33.10
C PRO B 76 -5.19 11.29 -33.84
N SER B 77 -5.16 12.57 -34.19
CA SER B 77 -3.99 13.10 -34.88
C SER B 77 -2.74 13.08 -34.00
N ASP B 78 -2.94 13.21 -32.68
CA ASP B 78 -1.84 13.22 -31.69
C ASP B 78 -1.06 11.91 -31.60
N LYS B 79 -1.63 10.79 -32.02
CA LYS B 79 -0.91 9.50 -31.94
C LYS B 79 0.54 9.66 -32.35
N GLY B 80 1.44 9.00 -31.63
CA GLY B 80 2.85 9.09 -31.97
C GLY B 80 3.85 8.86 -30.83
N ASN B 81 5.06 9.35 -31.03
CA ASN B 81 6.12 9.22 -30.05
C ASN B 81 6.54 10.55 -29.45
N TYR B 82 6.41 10.68 -28.14
CA TYR B 82 6.81 11.88 -27.46
C TYR B 82 8.05 11.60 -26.61
N THR B 83 9.14 12.32 -26.93
CA THR B 83 10.41 12.16 -26.22
C THR B 83 10.87 13.45 -25.58
N CYS B 84 11.24 13.35 -24.30
CA CYS B 84 11.74 14.52 -23.59
C CYS B 84 13.26 14.43 -23.74
N VAL B 85 13.94 15.56 -23.62
CA VAL B 85 15.39 15.60 -23.72
C VAL B 85 15.96 16.56 -22.69
N VAL B 86 16.44 15.99 -21.59
CA VAL B 86 17.01 16.74 -20.49
C VAL B 86 18.50 16.94 -20.71
N GLU B 87 18.98 18.19 -20.60
CA GLU B 87 20.38 18.46 -20.85
C GLU B 87 21.03 19.68 -20.18
N ASN B 88 22.34 19.60 -20.04
CA ASN B 88 23.21 20.65 -19.50
C ASN B 88 24.52 20.47 -20.24
N GLU B 89 25.56 21.24 -19.90
CA GLU B 89 26.78 21.08 -20.66
C GLU B 89 27.56 19.81 -20.38
N TYR B 90 27.18 19.09 -19.33
CA TYR B 90 27.89 17.85 -18.97
C TYR B 90 27.30 16.59 -19.59
N GLY B 91 26.14 16.73 -20.24
CA GLY B 91 25.51 15.58 -20.86
C GLY B 91 24.00 15.70 -20.96
N SER B 92 23.38 14.65 -21.46
CA SER B 92 21.93 14.65 -21.62
C SER B 92 21.36 13.27 -21.47
N ILE B 93 20.07 13.24 -21.16
CA ILE B 93 19.32 11.99 -21.03
C ILE B 93 18.01 12.26 -21.73
N ASN B 94 17.36 11.19 -22.15
CA ASN B 94 16.08 11.33 -22.83
C ASN B 94 15.24 10.11 -22.52
N HIS B 95 13.94 10.25 -22.75
CA HIS B 95 12.99 9.17 -22.55
C HIS B 95 11.92 9.30 -23.59
N THR B 96 11.24 8.21 -23.89
CA THR B 96 10.22 8.28 -24.91
C THR B 96 8.92 7.56 -24.57
N TYR B 97 7.84 8.32 -24.64
CA TYR B 97 6.51 7.82 -24.36
C TYR B 97 5.78 7.58 -25.70
N HIS B 98 4.92 6.57 -25.75
CA HIS B 98 4.17 6.30 -26.96
C HIS B 98 2.68 6.54 -26.69
N LEU B 99 2.10 7.42 -27.49
CA LEU B 99 0.68 7.71 -27.30
C LEU B 99 -0.21 7.18 -28.42
N ASP B 100 -1.26 6.47 -27.99
CA ASP B 100 -2.26 5.89 -28.88
C ASP B 100 -3.58 6.44 -28.36
N VAL B 101 -4.20 7.34 -29.14
CA VAL B 101 -5.49 7.91 -28.76
C VAL B 101 -6.52 7.15 -29.58
N VAL B 102 -7.63 6.76 -28.94
CA VAL B 102 -8.64 6.00 -29.65
C VAL B 102 -10.03 6.60 -29.68
N GLU B 103 -10.54 6.84 -30.88
CA GLU B 103 -11.90 7.40 -30.99
C GLU B 103 -12.84 6.23 -30.80
N ARG B 104 -13.65 6.31 -29.75
CA ARG B 104 -14.59 5.23 -29.42
C ARG B 104 -16.03 5.56 -29.79
N SER B 105 -16.32 6.81 -30.10
CA SER B 105 -17.68 7.09 -30.47
C SER B 105 -17.69 7.16 -32.00
N PRO B 106 -18.83 6.84 -32.64
CA PRO B 106 -20.08 6.50 -31.95
C PRO B 106 -19.98 5.05 -31.49
N HIS B 107 -20.74 4.70 -30.45
CA HIS B 107 -20.71 3.36 -29.91
C HIS B 107 -22.11 2.88 -29.52
N ARG B 108 -22.27 1.59 -29.26
CA ARG B 108 -23.57 1.04 -28.87
C ARG B 108 -24.13 1.88 -27.73
N PRO B 109 -25.46 2.01 -27.63
CA PRO B 109 -26.13 2.79 -26.57
C PRO B 109 -25.76 2.22 -25.23
N ILE B 110 -25.71 3.07 -24.21
CA ILE B 110 -25.36 2.59 -22.90
C ILE B 110 -26.48 2.79 -21.90
N LEU B 111 -26.77 1.74 -21.16
CA LEU B 111 -27.83 1.80 -20.17
C LEU B 111 -27.23 1.93 -18.79
N GLN B 112 -27.69 2.93 -18.03
CA GLN B 112 -27.17 3.11 -16.68
C GLN B 112 -27.41 1.81 -15.93
N ALA B 113 -26.34 1.17 -15.51
CA ALA B 113 -26.43 -0.10 -14.80
C ALA B 113 -27.45 -0.09 -13.67
N GLY B 114 -27.94 -1.28 -13.33
CA GLY B 114 -28.92 -1.40 -12.27
C GLY B 114 -30.34 -1.08 -12.68
N LEU B 115 -30.51 -0.48 -13.85
CA LEU B 115 -31.84 -0.16 -14.36
C LEU B 115 -32.11 -0.94 -15.64
N PRO B 116 -33.38 -1.32 -15.86
CA PRO B 116 -34.54 -1.03 -15.01
C PRO B 116 -34.47 -1.69 -13.63
N ALA B 117 -35.13 -1.07 -12.67
CA ALA B 117 -35.16 -1.59 -11.31
C ALA B 117 -36.33 -2.56 -11.18
N ASN B 118 -36.15 -3.66 -10.44
CA ASN B 118 -37.22 -4.63 -10.26
C ASN B 118 -38.34 -3.98 -9.45
N ALA B 119 -39.45 -4.68 -9.30
CA ALA B 119 -40.56 -4.14 -8.54
C ALA B 119 -41.53 -5.24 -8.09
N SER B 120 -42.58 -4.82 -7.40
CA SER B 120 -43.59 -5.74 -6.89
C SER B 120 -44.71 -4.90 -6.26
N THR B 121 -45.94 -5.34 -6.43
CA THR B 121 -47.08 -4.63 -5.88
C THR B 121 -48.30 -5.53 -5.79
N VAL B 122 -49.19 -5.19 -4.87
CA VAL B 122 -50.42 -5.96 -4.67
C VAL B 122 -51.37 -5.75 -5.83
N VAL B 123 -51.93 -6.86 -6.34
CA VAL B 123 -52.86 -6.81 -7.46
C VAL B 123 -53.75 -5.58 -7.37
N GLY B 124 -53.79 -4.79 -8.44
CA GLY B 124 -54.63 -3.59 -8.45
C GLY B 124 -53.80 -2.33 -8.28
N GLY B 125 -52.55 -2.50 -7.86
CA GLY B 125 -51.68 -1.36 -7.67
C GLY B 125 -51.02 -0.93 -8.98
N ASP B 126 -50.39 0.24 -8.99
CA ASP B 126 -49.74 0.76 -10.19
C ASP B 126 -48.21 0.74 -10.13
N VAL B 127 -47.60 -0.24 -10.78
CA VAL B 127 -46.16 -0.36 -10.78
C VAL B 127 -45.52 0.52 -11.88
N GLU B 128 -44.20 0.73 -11.77
CA GLU B 128 -43.46 1.55 -12.73
C GLU B 128 -42.09 0.95 -13.05
N PHE B 129 -41.62 1.17 -14.28
CA PHE B 129 -40.31 0.70 -14.75
C PHE B 129 -39.62 1.80 -15.52
N VAL B 130 -38.29 1.84 -15.38
CA VAL B 130 -37.51 2.87 -16.05
C VAL B 130 -36.23 2.38 -16.70
N CYS B 131 -35.91 3.05 -17.81
CA CYS B 131 -34.74 2.75 -18.61
C CYS B 131 -34.06 4.04 -19.06
N LYS B 132 -32.88 4.30 -18.51
CA LYS B 132 -32.13 5.50 -18.87
C LYS B 132 -31.06 5.07 -19.87
N VAL B 133 -31.02 5.73 -21.01
CA VAL B 133 -30.06 5.38 -22.03
C VAL B 133 -29.29 6.60 -22.51
N TYR B 134 -27.96 6.52 -22.36
CA TYR B 134 -27.09 7.60 -22.78
C TYR B 134 -26.71 7.35 -24.22
N SER B 135 -26.82 8.39 -25.04
CA SER B 135 -26.47 8.30 -26.46
C SER B 135 -26.23 9.68 -27.08
N ASP B 136 -25.32 9.72 -28.04
CA ASP B 136 -24.99 10.96 -28.74
C ASP B 136 -26.05 11.23 -29.81
N ALA B 137 -26.96 10.27 -29.94
CA ALA B 137 -28.08 10.34 -30.88
C ALA B 137 -29.31 9.88 -30.10
N GLN B 138 -30.32 9.45 -30.83
CA GLN B 138 -31.54 8.97 -30.18
C GLN B 138 -31.50 7.47 -30.49
N PRO B 139 -31.50 6.63 -29.44
CA PRO B 139 -31.45 5.18 -29.63
C PRO B 139 -32.81 4.51 -29.77
N HIS B 140 -32.86 3.48 -30.60
CA HIS B 140 -34.12 2.78 -30.77
C HIS B 140 -34.29 2.00 -29.46
N ILE B 141 -35.40 2.26 -28.78
CA ILE B 141 -35.68 1.59 -27.50
C ILE B 141 -37.06 0.98 -27.46
N GLN B 142 -37.13 -0.29 -27.10
CA GLN B 142 -38.40 -0.97 -27.02
C GLN B 142 -38.55 -1.80 -25.76
N TRP B 143 -39.79 -1.90 -25.27
CA TRP B 143 -40.08 -2.70 -24.09
C TRP B 143 -40.62 -4.05 -24.56
N ILE B 144 -40.05 -5.13 -24.04
CA ILE B 144 -40.47 -6.48 -24.41
C ILE B 144 -41.00 -7.24 -23.18
N LYS B 145 -42.23 -7.76 -23.26
CA LYS B 145 -42.83 -8.51 -22.14
C LYS B 145 -42.64 -10.02 -22.29
N HIS B 146 -42.57 -10.71 -21.15
CA HIS B 146 -42.38 -12.15 -21.11
C HIS B 146 -43.06 -12.74 -19.87
N LEU B 162 -44.11 -13.61 -27.50
CA LEU B 162 -43.43 -12.38 -27.07
C LEU B 162 -44.18 -11.12 -27.50
N LYS B 163 -44.32 -10.17 -26.57
CA LYS B 163 -45.02 -8.92 -26.86
C LYS B 163 -44.12 -7.72 -26.65
N VAL B 164 -44.13 -6.82 -27.62
CA VAL B 164 -43.34 -5.60 -27.59
C VAL B 164 -44.29 -4.47 -27.18
N LEU B 165 -44.42 -4.25 -25.88
CA LEU B 165 -45.33 -3.23 -25.35
C LEU B 165 -45.13 -1.85 -25.97
N LYS B 166 -43.99 -1.23 -25.73
CA LYS B 166 -43.73 0.09 -26.29
C LYS B 166 -42.52 0.06 -27.23
N ALA B 167 -42.36 1.12 -28.02
CA ALA B 167 -41.25 1.26 -28.96
C ALA B 167 -41.03 2.73 -29.31
N ALA B 168 -39.81 3.20 -29.08
CA ALA B 168 -39.45 4.59 -29.35
C ALA B 168 -39.74 5.01 -30.78
N GLY B 169 -40.70 5.93 -30.94
CA GLY B 169 -41.06 6.41 -32.27
C GLY B 169 -42.39 5.86 -32.70
N VAL B 170 -42.57 4.55 -32.53
CA VAL B 170 -43.80 3.87 -32.90
C VAL B 170 -45.03 4.42 -32.17
N ASN B 171 -45.32 3.85 -31.00
CA ASN B 171 -46.46 4.24 -30.19
C ASN B 171 -46.15 5.25 -29.10
N THR B 172 -44.95 5.17 -28.51
CA THR B 172 -44.58 6.11 -27.46
C THR B 172 -43.42 7.00 -27.91
N THR B 173 -43.39 8.22 -27.39
CA THR B 173 -42.34 9.17 -27.74
C THR B 173 -41.06 8.82 -27.00
N ASP B 174 -40.06 9.67 -27.11
CA ASP B 174 -38.80 9.41 -26.42
C ASP B 174 -39.03 9.66 -24.94
N LYS B 175 -39.54 10.84 -24.62
CA LYS B 175 -39.81 11.21 -23.23
C LYS B 175 -40.68 10.13 -22.56
N GLU B 176 -41.59 9.54 -23.32
CA GLU B 176 -42.48 8.52 -22.80
C GLU B 176 -41.83 7.14 -22.66
N ILE B 177 -40.99 6.77 -23.63
CA ILE B 177 -40.31 5.47 -23.64
C ILE B 177 -39.37 5.27 -22.44
N GLU B 178 -38.89 6.36 -21.86
CA GLU B 178 -37.99 6.26 -20.73
C GLU B 178 -38.67 5.57 -19.54
N VAL B 179 -39.97 5.74 -19.39
CA VAL B 179 -40.73 5.14 -18.27
C VAL B 179 -41.91 4.26 -18.63
N LEU B 180 -41.79 2.97 -18.35
CA LEU B 180 -42.84 1.99 -18.62
C LEU B 180 -43.80 1.85 -17.44
N TYR B 181 -45.02 2.38 -17.56
CA TYR B 181 -46.01 2.29 -16.49
C TYR B 181 -46.92 1.08 -16.67
N ILE B 182 -47.58 0.68 -15.59
CA ILE B 182 -48.48 -0.47 -15.62
C ILE B 182 -49.59 -0.27 -14.58
N ARG B 183 -50.57 0.57 -14.92
CA ARG B 183 -51.68 0.85 -14.01
C ARG B 183 -52.61 -0.35 -13.80
N ASN B 184 -53.07 -0.52 -12.55
CA ASN B 184 -53.98 -1.60 -12.19
C ASN B 184 -53.46 -2.98 -12.58
N VAL B 185 -52.28 -3.32 -12.09
CA VAL B 185 -51.65 -4.60 -12.39
C VAL B 185 -52.58 -5.79 -12.15
N THR B 186 -52.02 -6.99 -12.34
CA THR B 186 -52.73 -8.25 -12.17
C THR B 186 -51.67 -9.33 -11.94
N PHE B 187 -52.09 -10.57 -11.73
CA PHE B 187 -51.16 -11.67 -11.51
C PHE B 187 -50.56 -12.14 -12.84
N GLU B 188 -51.15 -11.64 -13.92
CA GLU B 188 -50.68 -11.98 -15.26
C GLU B 188 -49.41 -11.18 -15.53
N ASP B 189 -49.50 -9.89 -15.22
CA ASP B 189 -48.40 -8.95 -15.42
C ASP B 189 -47.10 -9.43 -14.75
N ALA B 190 -47.19 -10.50 -13.97
CA ALA B 190 -46.02 -11.03 -13.29
C ALA B 190 -45.04 -11.68 -14.28
N GLY B 191 -43.89 -11.05 -14.46
CA GLY B 191 -42.90 -11.57 -15.39
C GLY B 191 -41.65 -10.74 -15.59
N GLU B 192 -40.88 -11.11 -16.63
CA GLU B 192 -39.62 -10.45 -16.98
C GLU B 192 -39.73 -9.38 -18.06
N TYR B 193 -39.73 -8.12 -17.64
CA TYR B 193 -39.79 -7.03 -18.60
C TYR B 193 -38.37 -6.84 -19.09
N THR B 194 -38.20 -6.16 -20.22
CA THR B 194 -36.86 -5.96 -20.74
C THR B 194 -36.66 -4.62 -21.42
N CYS B 195 -35.51 -4.02 -21.17
CA CYS B 195 -35.23 -2.76 -21.84
C CYS B 195 -34.18 -3.04 -22.90
N LEU B 196 -34.58 -2.86 -24.14
CA LEU B 196 -33.68 -3.08 -25.27
C LEU B 196 -33.47 -1.77 -26.00
N ALA B 197 -32.21 -1.38 -26.13
CA ALA B 197 -31.90 -0.15 -26.81
C ALA B 197 -30.75 -0.38 -27.76
N GLY B 198 -30.67 0.44 -28.80
CA GLY B 198 -29.59 0.24 -29.73
C GLY B 198 -29.64 1.12 -30.95
N ASN B 199 -28.54 1.06 -31.70
CA ASN B 199 -28.33 1.82 -32.91
C ASN B 199 -27.48 1.02 -33.89
N SER B 200 -27.06 1.68 -34.96
CA SER B 200 -26.25 1.07 -36.00
C SER B 200 -24.96 0.40 -35.48
N ILE B 201 -24.51 0.81 -34.30
CA ILE B 201 -23.31 0.22 -33.73
C ILE B 201 -23.62 -1.04 -32.95
N GLY B 202 -24.84 -1.12 -32.43
CA GLY B 202 -25.24 -2.29 -31.67
C GLY B 202 -26.30 -2.02 -30.63
N ILE B 203 -26.50 -2.96 -29.70
CA ILE B 203 -27.49 -2.79 -28.65
C ILE B 203 -27.02 -3.27 -27.29
N SER B 204 -27.73 -2.77 -26.29
CA SER B 204 -27.51 -3.09 -24.89
C SER B 204 -28.91 -3.39 -24.38
N PHE B 205 -29.01 -4.04 -23.22
CA PHE B 205 -30.32 -4.36 -22.69
C PHE B 205 -30.24 -4.90 -21.29
N HIS B 206 -31.19 -4.51 -20.45
CA HIS B 206 -31.22 -4.98 -19.09
C HIS B 206 -32.66 -5.32 -18.74
N SER B 207 -32.83 -6.34 -17.90
CA SER B 207 -34.16 -6.78 -17.49
C SER B 207 -34.52 -6.38 -16.05
N ALA B 208 -35.77 -6.64 -15.70
CA ALA B 208 -36.29 -6.34 -14.38
C ALA B 208 -37.47 -7.28 -14.15
N TRP B 209 -37.85 -7.48 -12.89
CA TRP B 209 -38.95 -8.39 -12.59
C TRP B 209 -40.08 -7.78 -11.76
N LEU B 210 -41.30 -8.01 -12.21
CA LEU B 210 -42.48 -7.52 -11.51
C LEU B 210 -43.15 -8.66 -10.77
N THR B 211 -43.03 -8.65 -9.45
CA THR B 211 -43.61 -9.68 -8.60
C THR B 211 -44.97 -9.21 -8.09
N VAL B 212 -46.02 -9.90 -8.53
CA VAL B 212 -47.36 -9.55 -8.11
C VAL B 212 -47.66 -10.13 -6.73
N LEU B 213 -48.24 -9.30 -5.87
CA LEU B 213 -48.57 -9.74 -4.51
C LEU B 213 -50.09 -9.84 -4.36
N LYS C 9 2.20 3.04 36.19
CA LYS C 9 2.97 3.97 37.01
C LYS C 9 2.54 5.41 36.66
N LYS C 10 3.26 6.06 35.75
CA LYS C 10 2.92 7.40 35.27
C LYS C 10 2.63 7.30 33.78
N PRO C 11 2.09 8.37 33.19
CA PRO C 11 1.79 8.35 31.75
C PRO C 11 3.05 8.51 30.88
N LYS C 12 3.19 7.65 29.88
CA LYS C 12 4.35 7.72 29.00
C LYS C 12 3.90 7.94 27.56
N LEU C 13 4.85 8.14 26.66
CA LEU C 13 4.54 8.34 25.23
C LEU C 13 5.17 7.18 24.47
N LEU C 14 4.44 6.58 23.54
CA LEU C 14 5.02 5.47 22.78
C LEU C 14 5.52 5.89 21.39
N TYR C 15 6.73 6.45 21.39
CA TYR C 15 7.43 6.93 20.19
C TYR C 15 7.87 5.80 19.28
N CYS C 16 7.49 5.91 18.00
CA CYS C 16 7.83 4.92 16.98
C CYS C 16 8.95 5.42 16.10
N SER C 17 10.06 4.71 16.12
CA SER C 17 11.28 5.06 15.37
C SER C 17 11.03 5.27 13.88
N ASN C 18 10.31 4.35 13.26
CA ASN C 18 10.02 4.41 11.84
C ASN C 18 9.86 5.84 11.34
N GLY C 19 8.72 6.44 11.62
CA GLY C 19 8.51 7.80 11.19
C GLY C 19 8.82 8.82 12.27
N GLY C 20 8.93 8.35 13.51
CA GLY C 20 9.23 9.27 14.57
C GLY C 20 7.98 9.93 15.14
N HIS C 21 6.92 9.15 15.30
CA HIS C 21 5.67 9.66 15.86
C HIS C 21 5.36 9.04 17.22
N PHE C 22 4.37 9.63 17.88
CA PHE C 22 3.87 9.19 19.17
C PHE C 22 2.62 8.37 18.88
N LEU C 23 2.42 7.24 19.55
CA LEU C 23 1.22 6.46 19.28
C LEU C 23 0.09 7.34 19.72
N ARG C 24 -1.06 7.24 19.04
CA ARG C 24 -2.20 8.07 19.41
C ARG C 24 -3.56 7.42 19.19
N ILE C 25 -4.41 7.54 20.20
CA ILE C 25 -5.75 7.00 20.13
C ILE C 25 -6.69 8.18 20.05
N LEU C 26 -7.41 8.29 18.93
CA LEU C 26 -8.35 9.39 18.69
C LEU C 26 -9.74 9.13 19.27
N PRO C 27 -10.42 10.21 19.71
CA PRO C 27 -11.77 10.05 20.28
C PRO C 27 -12.59 9.22 19.31
N ASP C 28 -12.36 9.44 18.01
CA ASP C 28 -13.05 8.71 16.95
C ASP C 28 -12.95 7.21 17.15
N GLY C 29 -11.86 6.79 17.77
CA GLY C 29 -11.64 5.37 17.99
C GLY C 29 -10.60 4.93 16.97
N THR C 30 -10.10 5.88 16.19
CA THR C 30 -9.09 5.58 15.19
C THR C 30 -7.71 5.73 15.84
N VAL C 31 -6.79 4.85 15.43
CA VAL C 31 -5.45 4.81 15.98
C VAL C 31 -4.40 5.26 14.97
N ASP C 32 -3.69 6.34 15.28
CA ASP C 32 -2.66 6.87 14.38
C ASP C 32 -1.46 7.41 15.13
N GLY C 33 -0.67 8.23 14.45
CA GLY C 33 0.51 8.80 15.07
C GLY C 33 0.70 10.28 14.75
N THR C 34 1.06 11.07 15.76
CA THR C 34 1.31 12.49 15.59
C THR C 34 2.74 12.81 15.92
N ARG C 35 3.08 14.09 15.81
CA ARG C 35 4.40 14.55 16.11
C ARG C 35 4.27 15.67 17.13
N ASP C 36 3.03 16.02 17.48
CA ASP C 36 2.81 17.10 18.43
C ASP C 36 2.94 16.63 19.87
N ARG C 37 4.02 17.03 20.50
CA ARG C 37 4.29 16.65 21.88
C ARG C 37 3.18 17.14 22.80
N SER C 38 2.48 18.18 22.36
CA SER C 38 1.39 18.77 23.15
C SER C 38 0.04 18.10 22.95
N ASP C 39 -0.16 17.47 21.79
CA ASP C 39 -1.41 16.78 21.49
C ASP C 39 -1.80 16.03 22.77
N GLN C 40 -3.10 15.91 23.04
CA GLN C 40 -3.53 15.25 24.26
C GLN C 40 -3.63 13.72 24.20
N HIS C 41 -4.28 13.20 23.17
CA HIS C 41 -4.48 11.76 23.01
C HIS C 41 -3.23 10.88 22.79
N ILE C 42 -2.08 11.33 23.28
CA ILE C 42 -0.83 10.56 23.15
C ILE C 42 -0.35 10.14 24.53
N GLN C 43 -0.94 10.75 25.55
CA GLN C 43 -0.60 10.45 26.95
C GLN C 43 -1.15 9.06 27.26
N LEU C 44 -0.42 8.04 26.85
CA LEU C 44 -0.87 6.68 27.09
C LEU C 44 -0.64 6.25 28.54
N GLN C 45 -1.40 5.24 28.96
CA GLN C 45 -1.25 4.68 30.29
C GLN C 45 -1.11 3.17 30.18
N LEU C 46 0.13 2.71 30.35
CA LEU C 46 0.44 1.29 30.28
C LEU C 46 0.11 0.65 31.61
N SER C 47 -0.63 -0.45 31.55
CA SER C 47 -1.03 -1.22 32.72
C SER C 47 -0.76 -2.68 32.34
N ALA C 48 -0.25 -3.48 33.27
CA ALA C 48 0.04 -4.86 32.96
C ALA C 48 -0.76 -5.85 33.76
N GLU C 49 -1.48 -6.75 33.09
CA GLU C 49 -2.26 -7.74 33.80
C GLU C 49 -1.17 -8.69 34.26
N SER C 50 -0.93 -9.74 33.50
CA SER C 50 0.13 -10.68 33.88
C SER C 50 1.45 -10.02 33.51
N VAL C 51 2.58 -10.58 33.94
CA VAL C 51 3.86 -9.99 33.60
C VAL C 51 4.08 -10.36 32.15
N GLY C 52 4.29 -9.35 31.31
CA GLY C 52 4.50 -9.57 29.89
C GLY C 52 3.29 -9.20 29.07
N GLU C 53 2.17 -8.99 29.75
CA GLU C 53 0.88 -8.61 29.14
C GLU C 53 0.56 -7.18 29.52
N VAL C 54 -0.09 -6.44 28.64
CA VAL C 54 -0.41 -5.05 28.95
C VAL C 54 -1.65 -4.45 28.31
N TYR C 55 -2.02 -3.30 28.87
CA TYR C 55 -3.16 -2.50 28.46
C TYR C 55 -2.66 -1.07 28.30
N ILE C 56 -2.79 -0.54 27.08
CA ILE C 56 -2.37 0.81 26.76
C ILE C 56 -3.66 1.62 26.61
N LYS C 57 -3.87 2.62 27.48
CA LYS C 57 -5.09 3.42 27.39
C LYS C 57 -4.84 4.92 27.50
N SER C 58 -5.61 5.69 26.74
CA SER C 58 -5.49 7.15 26.75
C SER C 58 -5.98 7.73 28.07
N THR C 59 -5.12 8.49 28.75
CA THR C 59 -5.51 9.09 30.02
C THR C 59 -6.51 10.22 29.79
N GLU C 60 -7.20 10.17 28.67
CA GLU C 60 -8.18 11.18 28.31
C GLU C 60 -9.48 10.47 27.93
N THR C 61 -9.50 9.87 26.75
CA THR C 61 -10.69 9.15 26.30
C THR C 61 -10.70 7.81 26.98
N GLY C 62 -9.88 7.64 28.02
CA GLY C 62 -9.81 6.37 28.71
C GLY C 62 -10.06 5.18 27.80
N GLN C 63 -9.53 5.27 26.58
CA GLN C 63 -9.69 4.19 25.62
C GLN C 63 -8.47 3.29 25.62
N TYR C 64 -8.71 1.99 25.48
CA TYR C 64 -7.65 1.00 25.46
C TYR C 64 -7.27 0.61 24.04
N LEU C 65 -6.00 0.68 23.70
CA LEU C 65 -5.56 0.31 22.36
C LEU C 65 -6.05 -1.12 22.11
N ALA C 66 -6.50 -1.39 20.88
CA ALA C 66 -6.98 -2.73 20.56
C ALA C 66 -6.72 -3.11 19.11
N MET C 67 -6.73 -4.41 18.82
CA MET C 67 -6.51 -4.88 17.46
C MET C 67 -7.59 -5.90 17.11
N ASP C 68 -8.42 -5.59 16.11
CA ASP C 68 -9.49 -6.50 15.70
C ASP C 68 -8.97 -7.78 15.09
N THR C 69 -9.86 -8.53 14.44
CA THR C 69 -9.50 -9.81 13.85
C THR C 69 -8.79 -9.73 12.51
N ASP C 70 -8.52 -8.51 12.06
CA ASP C 70 -7.83 -8.31 10.80
C ASP C 70 -6.63 -7.41 11.02
N GLY C 71 -6.11 -7.43 12.24
CA GLY C 71 -4.97 -6.62 12.58
C GLY C 71 -5.18 -5.16 12.20
N LEU C 72 -6.05 -4.49 12.94
CA LEU C 72 -6.31 -3.09 12.68
C LEU C 72 -6.48 -2.39 14.02
N LEU C 73 -5.53 -1.52 14.34
CA LEU C 73 -5.57 -0.80 15.61
C LEU C 73 -6.76 0.15 15.76
N TYR C 74 -7.39 0.10 16.93
CA TYR C 74 -8.53 0.94 17.21
C TYR C 74 -8.68 1.20 18.71
N GLY C 75 -9.32 2.30 19.07
CA GLY C 75 -9.52 2.63 20.46
C GLY C 75 -10.82 2.04 20.97
N SER C 76 -10.75 1.31 22.08
CA SER C 76 -11.92 0.70 22.69
C SER C 76 -12.22 1.38 24.00
N GLN C 77 -13.47 1.29 24.44
CA GLN C 77 -13.87 1.90 25.70
C GLN C 77 -14.10 0.82 26.73
N THR C 78 -14.14 -0.42 26.24
CA THR C 78 -14.35 -1.60 27.08
C THR C 78 -13.17 -2.56 26.98
N PRO C 79 -12.23 -2.51 27.95
CA PRO C 79 -11.05 -3.37 28.00
C PRO C 79 -11.45 -4.81 27.65
N ASN C 80 -10.94 -5.36 26.57
CA ASN C 80 -11.34 -6.72 26.24
C ASN C 80 -10.23 -7.48 25.57
N GLU C 81 -10.44 -8.77 25.34
CA GLU C 81 -9.46 -9.64 24.70
C GLU C 81 -8.61 -8.92 23.64
N GLU C 82 -9.22 -8.06 22.84
CA GLU C 82 -8.46 -7.35 21.81
C GLU C 82 -7.73 -6.12 22.35
N CYS C 83 -7.46 -6.11 23.65
CA CYS C 83 -6.77 -5.00 24.31
C CYS C 83 -5.46 -5.47 24.93
N LEU C 84 -5.25 -6.78 24.95
CA LEU C 84 -4.04 -7.30 25.56
C LEU C 84 -2.88 -7.43 24.62
N PHE C 85 -1.81 -6.70 24.93
CA PHE C 85 -0.61 -6.76 24.13
C PHE C 85 0.54 -7.33 24.93
N LEU C 86 1.38 -8.09 24.23
CA LEU C 86 2.56 -8.69 24.83
C LEU C 86 3.70 -7.70 24.74
N GLU C 87 4.10 -7.13 25.88
CA GLU C 87 5.21 -6.17 25.86
C GLU C 87 6.54 -6.92 25.89
N ARG C 88 7.38 -6.63 24.90
CA ARG C 88 8.68 -7.28 24.80
C ARG C 88 9.84 -6.28 24.62
N LEU C 89 10.85 -6.37 25.48
CA LEU C 89 12.01 -5.47 25.38
C LEU C 89 13.08 -6.16 24.57
N GLU C 90 13.19 -5.80 23.30
CA GLU C 90 14.14 -6.38 22.35
C GLU C 90 15.63 -6.18 22.62
N GLU C 91 16.44 -7.05 22.00
CA GLU C 91 17.88 -6.98 22.17
C GLU C 91 18.44 -5.58 21.96
N ASN C 92 17.90 -4.84 21.01
CA ASN C 92 18.40 -3.50 20.76
C ASN C 92 17.86 -2.43 21.70
N HIS C 93 17.03 -2.84 22.65
CA HIS C 93 16.48 -1.92 23.64
C HIS C 93 15.28 -1.08 23.23
N TYR C 94 14.52 -1.57 22.26
CA TYR C 94 13.31 -0.88 21.84
C TYR C 94 12.26 -1.90 22.23
N ASN C 95 11.02 -1.45 22.31
CA ASN C 95 9.93 -2.34 22.65
C ASN C 95 9.11 -2.66 21.44
N THR C 96 8.52 -3.84 21.45
CA THR C 96 7.65 -4.27 20.40
C THR C 96 6.41 -4.77 21.13
N TYR C 97 5.24 -4.54 20.54
CA TYR C 97 4.01 -4.97 21.16
C TYR C 97 3.25 -5.92 20.26
N ILE C 98 2.93 -7.09 20.77
CA ILE C 98 2.18 -8.06 19.98
C ILE C 98 0.77 -8.30 20.50
N SER C 99 -0.13 -8.64 19.57
CA SER C 99 -1.51 -8.95 19.89
C SER C 99 -1.57 -10.23 20.67
N LYS C 100 -2.07 -10.17 21.89
CA LYS C 100 -2.19 -11.38 22.67
C LYS C 100 -3.01 -12.32 21.79
N LYS C 101 -4.23 -11.91 21.50
CA LYS C 101 -5.17 -12.69 20.71
C LYS C 101 -4.61 -13.29 19.41
N HIS C 102 -3.96 -12.49 18.58
CA HIS C 102 -3.45 -13.01 17.31
C HIS C 102 -1.98 -13.38 17.32
N ALA C 103 -1.41 -13.40 18.53
CA ALA C 103 -0.01 -13.74 18.73
C ALA C 103 0.55 -14.78 17.75
N GLU C 104 -0.18 -15.87 17.53
CA GLU C 104 0.29 -16.92 16.62
C GLU C 104 0.80 -16.35 15.30
N LYS C 105 0.08 -15.38 14.77
CA LYS C 105 0.40 -14.73 13.50
C LYS C 105 1.57 -13.73 13.53
N ASN C 106 1.89 -13.26 14.74
CA ASN C 106 2.96 -12.27 14.94
C ASN C 106 2.50 -10.95 14.36
N TRP C 107 1.42 -10.43 14.93
CA TRP C 107 0.87 -9.18 14.48
C TRP C 107 1.23 -8.08 15.45
N PHE C 108 2.23 -7.28 15.08
CA PHE C 108 2.70 -6.18 15.93
C PHE C 108 1.95 -4.87 15.75
N VAL C 109 2.08 -4.03 16.78
CA VAL C 109 1.51 -2.70 16.79
C VAL C 109 2.50 -1.90 15.92
N GLY C 110 2.00 -1.15 14.94
CA GLY C 110 2.93 -0.40 14.09
C GLY C 110 2.43 0.85 13.36
N LEU C 111 3.37 1.69 12.95
CA LEU C 111 3.03 2.92 12.26
C LEU C 111 3.84 3.14 10.97
N LYS C 112 3.17 3.40 9.86
CA LYS C 112 3.86 3.66 8.60
C LYS C 112 4.56 5.01 8.69
N LYS C 113 5.64 5.18 7.93
CA LYS C 113 6.42 6.42 7.96
C LYS C 113 5.61 7.73 7.94
N ASN C 114 4.32 7.65 7.61
CA ASN C 114 3.47 8.84 7.56
C ASN C 114 2.62 8.96 8.82
N GLY C 115 2.91 8.13 9.81
CA GLY C 115 2.16 8.18 11.05
C GLY C 115 0.76 7.64 10.96
N SER C 116 0.57 6.56 10.23
CA SER C 116 -0.74 5.97 10.15
C SER C 116 -0.65 4.49 10.54
N CYS C 117 -1.64 3.99 11.28
CA CYS C 117 -1.66 2.60 11.72
C CYS C 117 -1.17 1.64 10.63
N LYS C 118 -0.56 0.53 11.05
CA LYS C 118 -0.09 -0.46 10.09
C LYS C 118 -0.78 -1.81 10.39
N ARG C 119 -1.55 -2.32 9.42
CA ARG C 119 -2.28 -3.55 9.61
C ARG C 119 -1.39 -4.74 9.94
N GLY C 120 -1.71 -5.36 11.08
CA GLY C 120 -0.99 -6.49 11.61
C GLY C 120 -0.41 -7.45 10.59
N PRO C 121 -1.23 -7.97 9.67
CA PRO C 121 -0.77 -8.91 8.64
C PRO C 121 0.41 -8.38 7.84
N ARG C 122 0.45 -7.06 7.66
CA ARG C 122 1.52 -6.42 6.91
C ARG C 122 2.56 -5.75 7.81
N THR C 123 3.04 -6.48 8.80
CA THR C 123 4.04 -6.01 9.73
C THR C 123 4.92 -7.21 10.01
N HIS C 124 6.13 -6.98 10.48
CA HIS C 124 7.00 -8.10 10.80
C HIS C 124 8.17 -7.70 11.68
N TYR C 125 8.86 -8.70 12.19
CA TYR C 125 9.99 -8.47 13.08
C TYR C 125 10.98 -7.44 12.54
N GLY C 126 11.41 -7.59 11.29
CA GLY C 126 12.39 -6.68 10.74
C GLY C 126 12.01 -5.21 10.51
N GLN C 127 10.74 -4.88 10.59
CA GLN C 127 10.31 -3.51 10.35
C GLN C 127 10.57 -2.52 11.45
N LYS C 128 10.98 -1.33 11.05
CA LYS C 128 11.23 -0.26 11.99
C LYS C 128 9.91 0.37 12.33
N ALA C 129 8.84 -0.26 11.86
CA ALA C 129 7.52 0.26 12.11
C ALA C 129 7.08 -0.17 13.48
N ILE C 130 7.61 -1.33 13.91
CA ILE C 130 7.26 -1.95 15.20
C ILE C 130 8.13 -1.67 16.42
N LEU C 131 9.07 -0.74 16.29
CA LEU C 131 9.97 -0.40 17.37
C LEU C 131 9.51 0.83 18.11
N PHE C 132 9.23 0.71 19.41
CA PHE C 132 8.84 1.89 20.18
C PHE C 132 9.74 2.11 21.37
N LEU C 133 9.64 3.30 21.94
CA LEU C 133 10.42 3.68 23.10
C LEU C 133 9.56 4.55 23.96
N PRO C 134 9.39 4.17 25.22
CA PRO C 134 8.57 4.95 26.14
C PRO C 134 9.36 6.21 26.44
N LEU C 135 8.67 7.34 26.47
CA LEU C 135 9.32 8.62 26.77
C LEU C 135 8.51 9.35 27.80
N PRO C 136 9.18 10.18 28.59
CA PRO C 136 8.60 11.00 29.66
C PRO C 136 7.32 11.73 29.24
N VAL C 137 6.50 12.07 30.23
CA VAL C 137 5.26 12.77 30.00
C VAL C 137 5.56 14.09 29.31
N SER C 138 6.71 14.67 29.67
CA SER C 138 7.16 15.94 29.11
C SER C 138 8.58 16.26 29.61
N ASN D 2 18.30 31.68 -14.93
CA ASN D 2 19.50 31.19 -15.58
C ASN D 2 20.32 30.28 -14.65
N ASN D 3 21.61 30.56 -14.52
CA ASN D 3 22.48 29.75 -13.67
C ASN D 3 22.66 30.31 -12.26
N LYS D 4 21.62 30.96 -11.77
CA LYS D 4 21.59 31.51 -10.41
C LYS D 4 20.62 30.62 -9.66
N ARG D 5 21.08 29.93 -8.62
CA ARG D 5 20.18 29.05 -7.91
C ARG D 5 20.40 28.98 -6.40
N ALA D 6 19.41 29.48 -5.66
CA ALA D 6 19.44 29.50 -4.21
C ALA D 6 19.18 28.10 -3.68
N PRO D 7 19.97 27.65 -2.69
CA PRO D 7 19.87 26.32 -2.07
C PRO D 7 18.47 25.75 -1.98
N TYR D 8 18.33 24.48 -2.37
CA TYR D 8 17.05 23.79 -2.32
C TYR D 8 17.21 22.34 -1.83
N TRP D 9 16.15 21.83 -1.22
CA TRP D 9 16.16 20.48 -0.70
C TRP D 9 16.05 19.52 -1.86
N THR D 10 17.02 18.62 -1.97
CA THR D 10 17.02 17.65 -3.06
C THR D 10 16.29 16.36 -2.71
N ASN D 11 15.98 16.19 -1.43
CA ASN D 11 15.29 15.00 -0.94
C ASN D 11 14.60 15.32 0.37
N THR D 12 13.34 15.76 0.30
CA THR D 12 12.54 16.13 1.48
C THR D 12 12.15 14.93 2.30
N GLU D 13 12.05 13.79 1.63
CA GLU D 13 11.69 12.55 2.29
C GLU D 13 12.58 12.26 3.49
N LYS D 14 13.86 11.99 3.19
CA LYS D 14 14.85 11.67 4.21
C LYS D 14 14.77 12.58 5.42
N MET D 15 14.22 13.76 5.23
CA MET D 15 14.09 14.76 6.28
C MET D 15 12.78 14.69 7.06
N GLU D 16 11.86 13.85 6.60
CA GLU D 16 10.57 13.68 7.25
C GLU D 16 10.66 13.72 8.79
N LYS D 17 11.37 12.72 9.35
CA LYS D 17 11.55 12.55 10.78
C LYS D 17 12.35 13.61 11.52
N ARG D 18 11.65 14.52 12.16
CA ARG D 18 12.27 15.59 12.93
C ARG D 18 12.78 15.12 14.30
N LEU D 19 11.96 14.37 15.03
CA LEU D 19 12.37 13.86 16.35
C LEU D 19 13.09 12.51 16.36
N HIS D 20 14.38 12.51 16.71
CA HIS D 20 15.17 11.29 16.75
C HIS D 20 15.44 10.81 18.20
N ALA D 21 14.63 9.85 18.63
CA ALA D 21 14.74 9.28 19.96
C ALA D 21 15.40 7.90 19.89
N VAL D 22 16.55 7.74 20.54
CA VAL D 22 17.26 6.46 20.53
C VAL D 22 18.00 6.08 21.79
N PRO D 23 18.10 4.76 22.04
CA PRO D 23 18.77 4.16 23.19
C PRO D 23 20.17 4.71 23.25
N ALA D 24 20.72 4.86 24.46
CA ALA D 24 22.07 5.38 24.57
C ALA D 24 23.01 4.44 23.83
N ALA D 25 24.21 4.91 23.48
CA ALA D 25 25.20 4.09 22.80
C ALA D 25 25.00 3.98 21.29
N ASN D 26 23.77 4.15 20.83
CA ASN D 26 23.51 4.01 19.41
C ASN D 26 24.10 5.13 18.61
N THR D 27 24.16 4.93 17.29
CA THR D 27 24.72 5.93 16.42
C THR D 27 23.64 6.58 15.57
N VAL D 28 23.55 7.90 15.68
CA VAL D 28 22.58 8.68 14.96
C VAL D 28 23.21 9.40 13.77
N LYS D 29 22.39 9.62 12.74
CA LYS D 29 22.78 10.31 11.51
C LYS D 29 21.68 11.28 11.02
N PHE D 30 22.05 12.53 10.82
CA PHE D 30 21.12 13.53 10.33
C PHE D 30 21.51 13.88 8.91
N ARG D 31 20.51 13.98 8.03
CA ARG D 31 20.75 14.30 6.62
C ARG D 31 19.98 15.53 6.09
N CYS D 32 20.64 16.33 5.27
CA CYS D 32 20.02 17.52 4.68
C CYS D 32 20.51 17.63 3.24
N PRO D 33 20.01 16.76 2.34
CA PRO D 33 20.36 16.72 0.90
C PRO D 33 20.09 18.08 0.28
N ALA D 34 21.15 18.74 -0.15
CA ALA D 34 21.01 20.08 -0.69
C ALA D 34 21.47 20.31 -2.13
N GLY D 35 20.68 21.12 -2.84
CA GLY D 35 21.00 21.49 -4.20
C GLY D 35 21.17 22.99 -4.31
N GLY D 36 21.88 23.43 -5.34
CA GLY D 36 22.10 24.85 -5.54
C GLY D 36 23.35 25.11 -6.36
N ASN D 37 23.29 26.10 -7.24
CA ASN D 37 24.43 26.47 -8.09
C ASN D 37 24.70 27.94 -7.81
N PRO D 38 25.91 28.30 -7.34
CA PRO D 38 27.08 27.47 -7.01
C PRO D 38 26.66 26.41 -6.01
N MET D 39 27.50 25.40 -5.82
CA MET D 39 27.14 24.35 -4.87
C MET D 39 27.11 25.08 -3.54
N PRO D 40 26.10 24.79 -2.70
CA PRO D 40 25.94 25.41 -1.39
C PRO D 40 27.02 24.84 -0.47
N THR D 41 27.08 25.36 0.75
CA THR D 41 28.03 24.82 1.72
C THR D 41 27.12 24.37 2.87
N MET D 42 27.62 23.46 3.70
CA MET D 42 26.82 22.98 4.83
C MET D 42 27.52 23.11 6.18
N ARG D 43 26.77 23.53 7.19
CA ARG D 43 27.32 23.64 8.52
C ARG D 43 26.25 23.26 9.53
N TRP D 44 26.68 22.71 10.66
CA TRP D 44 25.74 22.27 11.69
C TRP D 44 25.73 23.11 12.94
N LEU D 45 24.58 23.12 13.62
CA LEU D 45 24.43 23.91 14.83
C LEU D 45 23.79 23.10 15.95
N LYS D 46 24.48 23.02 17.10
CA LYS D 46 23.89 22.28 18.22
C LYS D 46 23.26 23.34 19.07
N ASN D 47 22.00 23.12 19.40
CA ASN D 47 21.25 24.08 20.18
C ASN D 47 21.64 25.50 19.81
N GLY D 48 21.34 25.86 18.57
CA GLY D 48 21.64 27.20 18.12
C GLY D 48 23.08 27.63 17.92
N LYS D 49 24.05 27.03 18.60
CA LYS D 49 25.44 27.47 18.42
C LYS D 49 26.27 26.56 17.53
N GLU D 50 27.46 27.01 17.17
CA GLU D 50 28.35 26.23 16.31
C GLU D 50 28.72 24.93 16.99
N PHE D 51 28.40 23.82 16.32
CA PHE D 51 28.68 22.49 16.81
C PHE D 51 30.14 22.12 16.50
N LYS D 52 31.05 22.54 17.35
CA LYS D 52 32.47 22.25 17.14
C LYS D 52 32.82 20.83 17.56
N GLN D 53 33.66 20.19 16.76
CA GLN D 53 34.10 18.83 17.00
C GLN D 53 34.38 18.54 18.47
N GLU D 54 35.11 19.46 19.10
CA GLU D 54 35.48 19.32 20.50
C GLU D 54 34.33 19.56 21.46
N HIS D 55 33.10 19.55 20.97
CA HIS D 55 31.94 19.77 21.84
C HIS D 55 31.37 18.49 22.43
N ARG D 56 31.89 17.35 22.01
CA ARG D 56 31.43 16.06 22.51
C ARG D 56 32.55 15.04 22.44
N ILE D 57 32.52 14.07 23.36
CA ILE D 57 33.54 13.04 23.38
C ILE D 57 33.36 12.21 22.13
N GLY D 58 34.45 12.01 21.41
CA GLY D 58 34.40 11.24 20.19
C GLY D 58 34.01 12.07 18.99
N GLY D 59 34.02 13.40 19.15
CA GLY D 59 33.65 14.29 18.06
C GLY D 59 32.55 13.75 17.16
N TYR D 60 32.57 14.14 15.89
CA TYR D 60 31.56 13.68 14.95
C TYR D 60 32.07 13.71 13.53
N LYS D 61 31.57 12.79 12.71
CA LYS D 61 31.98 12.74 11.32
C LYS D 61 30.92 13.41 10.48
N VAL D 62 31.35 13.92 9.33
CA VAL D 62 30.49 14.61 8.39
C VAL D 62 30.63 13.95 7.02
N ARG D 63 29.57 13.94 6.24
CA ARG D 63 29.63 13.34 4.91
C ARG D 63 29.13 14.36 3.93
N ASN D 64 30.04 15.17 3.41
CA ASN D 64 29.72 16.21 2.43
C ASN D 64 29.00 15.60 1.25
N GLN D 65 29.60 14.53 0.70
CA GLN D 65 29.00 13.83 -0.42
C GLN D 65 27.51 13.58 -0.13
N HIS D 66 27.20 13.08 1.08
CA HIS D 66 25.83 12.77 1.43
C HIS D 66 25.10 13.79 2.30
N TRP D 67 25.67 14.99 2.43
CA TRP D 67 25.04 16.07 3.20
C TRP D 67 24.61 15.62 4.59
N SER D 68 25.49 14.93 5.29
CA SER D 68 25.12 14.42 6.60
C SER D 68 26.06 14.63 7.77
N LEU D 69 25.52 14.37 8.96
CA LEU D 69 26.25 14.46 10.21
C LEU D 69 26.04 13.12 10.92
N ILE D 70 27.12 12.53 11.43
CA ILE D 70 27.03 11.24 12.14
C ILE D 70 27.63 11.29 13.54
N MET D 71 26.89 10.78 14.51
CA MET D 71 27.40 10.73 15.88
C MET D 71 27.35 9.30 16.33
N GLU D 72 28.51 8.79 16.73
CA GLU D 72 28.61 7.40 17.17
C GLU D 72 28.46 7.37 18.72
N SER D 73 28.07 6.21 19.26
CA SER D 73 27.92 6.02 20.71
C SER D 73 27.32 7.21 21.44
N VAL D 74 26.14 7.57 21.02
CA VAL D 74 25.43 8.67 21.63
C VAL D 74 25.26 8.51 23.16
N VAL D 75 25.36 9.64 23.85
CA VAL D 75 25.21 9.69 25.29
C VAL D 75 24.13 10.72 25.62
N PRO D 76 23.65 10.74 26.88
CA PRO D 76 22.59 11.69 27.27
C PRO D 76 23.03 13.14 27.06
N SER D 77 24.32 13.40 27.21
CA SER D 77 24.85 14.74 27.03
C SER D 77 24.70 15.21 25.57
N ASP D 78 24.29 14.31 24.68
CA ASP D 78 24.12 14.70 23.28
C ASP D 78 22.76 15.34 23.02
N LYS D 79 21.86 15.17 23.99
CA LYS D 79 20.52 15.72 23.92
C LYS D 79 20.57 17.12 23.37
N GLY D 80 19.68 17.40 22.42
CA GLY D 80 19.64 18.73 21.84
C GLY D 80 19.06 18.82 20.45
N ASN D 81 19.14 20.03 19.91
CA ASN D 81 18.66 20.31 18.59
C ASN D 81 19.87 20.47 17.72
N TYR D 82 19.81 19.81 16.57
CA TYR D 82 20.88 19.85 15.61
C TYR D 82 20.30 20.46 14.35
N THR D 83 20.89 21.57 13.94
CA THR D 83 20.43 22.29 12.78
C THR D 83 21.46 22.39 11.69
N CYS D 84 21.03 22.09 10.47
CA CYS D 84 21.93 22.18 9.32
C CYS D 84 21.61 23.49 8.64
N VAL D 85 22.65 24.13 8.12
CA VAL D 85 22.50 25.40 7.42
C VAL D 85 23.23 25.28 6.11
N VAL D 86 22.45 25.16 5.04
CA VAL D 86 22.99 25.08 3.69
C VAL D 86 22.92 26.49 3.12
N GLU D 87 24.00 26.97 2.53
CA GLU D 87 23.98 28.32 2.00
C GLU D 87 25.00 28.58 0.91
N ASN D 88 24.66 29.55 0.05
CA ASN D 88 25.51 30.02 -1.05
C ASN D 88 25.12 31.49 -1.20
N GLU D 89 25.81 32.23 -2.05
CA GLU D 89 25.53 33.66 -2.20
C GLU D 89 24.11 34.13 -2.50
N TYR D 90 23.25 33.23 -2.99
CA TYR D 90 21.90 33.64 -3.32
C TYR D 90 20.86 33.35 -2.25
N GLY D 91 21.31 32.73 -1.16
CA GLY D 91 20.40 32.45 -0.08
C GLY D 91 20.79 31.30 0.83
N SER D 92 19.92 30.98 1.79
CA SER D 92 20.19 29.88 2.69
C SER D 92 18.92 29.17 3.09
N ILE D 93 19.08 27.91 3.51
CA ILE D 93 17.98 27.10 3.99
C ILE D 93 18.54 26.32 5.18
N ASN D 94 17.65 25.88 6.06
CA ASN D 94 18.08 25.14 7.23
C ASN D 94 17.01 24.19 7.71
N HIS D 95 17.44 23.17 8.44
CA HIS D 95 16.53 22.20 9.00
C HIS D 95 17.04 21.92 10.38
N THR D 96 16.13 21.56 11.28
CA THR D 96 16.55 21.22 12.63
C THR D 96 15.98 19.89 13.13
N TYR D 97 16.88 19.04 13.60
CA TYR D 97 16.50 17.74 14.15
C TYR D 97 16.63 17.80 15.66
N HIS D 98 15.69 17.18 16.37
CA HIS D 98 15.77 17.15 17.82
C HIS D 98 16.15 15.75 18.27
N LEU D 99 17.27 15.65 18.96
CA LEU D 99 17.74 14.36 19.44
C LEU D 99 17.44 14.12 20.93
N ASP D 100 16.82 12.98 21.23
CA ASP D 100 16.50 12.59 22.59
C ASP D 100 17.04 11.17 22.84
N VAL D 101 18.21 11.10 23.47
CA VAL D 101 18.84 9.82 23.80
C VAL D 101 18.14 9.28 25.07
N VAL D 102 17.88 7.99 25.12
CA VAL D 102 17.15 7.42 26.23
C VAL D 102 17.86 6.30 26.93
N GLU D 103 18.26 6.51 28.19
CA GLU D 103 18.92 5.42 28.92
C GLU D 103 17.84 4.44 29.38
N ARG D 104 17.81 3.26 28.76
CA ARG D 104 16.83 2.24 29.08
C ARG D 104 17.11 1.46 30.36
N SER D 105 18.29 1.67 30.92
CA SER D 105 18.74 1.03 32.15
C SER D 105 18.33 1.89 33.36
N PRO D 106 17.87 1.27 34.47
CA PRO D 106 17.65 -0.15 34.83
C PRO D 106 16.47 -0.79 34.12
N HIS D 107 16.73 -1.91 33.45
CA HIS D 107 15.69 -2.63 32.72
C HIS D 107 15.71 -4.12 32.98
N ARG D 108 14.60 -4.77 32.68
CA ARG D 108 14.51 -6.20 32.89
C ARG D 108 15.56 -6.89 32.09
N PRO D 109 15.81 -8.15 32.42
CA PRO D 109 16.81 -8.95 31.73
C PRO D 109 16.33 -9.01 30.30
N ILE D 110 17.21 -9.45 29.41
CA ILE D 110 16.90 -9.58 28.01
C ILE D 110 17.55 -10.88 27.58
N LEU D 111 16.82 -11.69 26.82
CA LEU D 111 17.38 -12.95 26.34
C LEU D 111 17.68 -12.91 24.86
N GLN D 112 18.93 -13.21 24.49
CA GLN D 112 19.36 -13.23 23.10
C GLN D 112 18.37 -14.06 22.32
N ALA D 113 17.57 -13.39 21.50
CA ALA D 113 16.56 -14.08 20.71
C ALA D 113 17.13 -15.35 20.06
N GLY D 114 16.29 -16.37 19.95
CA GLY D 114 16.72 -17.62 19.34
C GLY D 114 17.48 -18.53 20.28
N LEU D 115 17.31 -18.30 21.57
CA LEU D 115 17.93 -19.08 22.63
C LEU D 115 16.97 -18.98 23.80
N PRO D 116 16.62 -20.12 24.43
CA PRO D 116 17.04 -21.49 24.13
C PRO D 116 16.61 -22.01 22.77
N ALA D 117 17.45 -22.85 22.17
CA ALA D 117 17.16 -23.43 20.87
C ALA D 117 16.62 -24.85 21.04
N ASN D 118 15.43 -25.10 20.48
CA ASN D 118 14.84 -26.44 20.58
C ASN D 118 15.88 -27.46 20.16
N ALA D 119 15.72 -28.69 20.62
CA ALA D 119 16.66 -29.75 20.27
C ALA D 119 15.90 -31.06 20.16
N SER D 120 16.61 -32.11 19.82
CA SER D 120 16.03 -33.43 19.64
C SER D 120 17.16 -34.40 19.37
N THR D 121 17.15 -35.53 20.07
CA THR D 121 18.21 -36.51 19.91
C THR D 121 17.75 -37.92 20.25
N VAL D 122 18.52 -38.90 19.79
CA VAL D 122 18.24 -40.31 20.03
C VAL D 122 18.68 -40.62 21.45
N VAL D 123 17.96 -41.53 22.10
CA VAL D 123 18.29 -41.91 23.46
C VAL D 123 19.76 -42.37 23.58
N GLY D 124 20.49 -41.86 24.57
CA GLY D 124 21.88 -42.27 24.73
C GLY D 124 22.89 -41.16 24.53
N GLY D 125 22.52 -40.21 23.67
CA GLY D 125 23.39 -39.10 23.38
C GLY D 125 23.22 -37.97 24.39
N ASP D 126 23.97 -36.90 24.20
CA ASP D 126 23.89 -35.77 25.12
C ASP D 126 23.33 -34.49 24.49
N VAL D 127 22.14 -34.10 24.92
CA VAL D 127 21.49 -32.89 24.41
C VAL D 127 22.00 -31.64 25.15
N GLU D 128 21.76 -30.45 24.58
CA GLU D 128 22.22 -29.21 25.21
C GLU D 128 21.18 -28.10 25.05
N PHE D 129 21.21 -27.11 25.95
CA PHE D 129 20.30 -25.98 25.90
C PHE D 129 21.07 -24.75 26.34
N VAL D 130 20.75 -23.60 25.75
CA VAL D 130 21.45 -22.37 26.08
C VAL D 130 20.55 -21.18 26.29
N CYS D 131 20.95 -20.34 27.23
CA CYS D 131 20.22 -19.13 27.56
C CYS D 131 21.21 -18.03 27.86
N LYS D 132 21.23 -16.98 27.05
CA LYS D 132 22.15 -15.89 27.33
C LYS D 132 21.32 -14.69 27.79
N VAL D 133 21.71 -14.11 28.91
CA VAL D 133 20.95 -13.01 29.45
C VAL D 133 21.81 -11.79 29.61
N TYR D 134 21.19 -10.64 29.34
CA TYR D 134 21.87 -9.36 29.46
C TYR D 134 21.07 -8.58 30.48
N SER D 135 21.76 -8.10 31.50
CA SER D 135 21.11 -7.36 32.56
C SER D 135 22.09 -6.39 33.22
N ASP D 136 21.55 -5.35 33.82
CA ASP D 136 22.36 -4.32 34.49
C ASP D 136 23.09 -4.91 35.70
N ALA D 137 22.48 -5.92 36.31
CA ALA D 137 23.07 -6.58 37.48
C ALA D 137 23.00 -8.08 37.25
N GLN D 138 23.88 -8.84 37.92
CA GLN D 138 23.89 -10.29 37.77
C GLN D 138 22.43 -10.79 37.90
N PRO D 139 21.88 -11.35 36.82
CA PRO D 139 20.50 -11.85 36.74
C PRO D 139 20.22 -13.15 37.43
N HIS D 140 19.10 -13.18 38.13
CA HIS D 140 18.70 -14.41 38.81
C HIS D 140 18.05 -15.27 37.72
N ILE D 141 18.71 -16.37 37.38
CA ILE D 141 18.23 -17.27 36.31
C ILE D 141 18.04 -18.71 36.74
N GLN D 142 16.92 -19.32 36.35
CA GLN D 142 16.70 -20.72 36.70
C GLN D 142 16.01 -21.53 35.60
N TRP D 143 16.50 -22.74 35.33
CA TRP D 143 15.89 -23.63 34.33
C TRP D 143 14.69 -24.36 34.96
N ILE D 144 13.57 -24.41 34.25
CA ILE D 144 12.39 -25.07 34.77
C ILE D 144 11.87 -26.14 33.80
N LYS D 145 12.08 -27.41 34.14
CA LYS D 145 11.65 -28.54 33.31
C LYS D 145 10.20 -28.95 33.62
N HIS D 146 9.41 -29.18 32.58
CA HIS D 146 8.02 -29.55 32.76
C HIS D 146 7.59 -30.68 31.83
N LYS D 163 8.88 -28.61 37.94
CA LYS D 163 10.07 -28.84 38.77
C LYS D 163 11.23 -27.93 38.33
N VAL D 164 12.06 -27.48 39.27
CA VAL D 164 13.17 -26.60 38.92
C VAL D 164 14.51 -27.31 38.83
N LEU D 165 14.97 -27.56 37.60
CA LEU D 165 16.24 -28.25 37.39
C LEU D 165 17.46 -27.57 38.04
N LYS D 166 18.16 -26.69 37.32
CA LYS D 166 19.31 -25.99 37.91
C LYS D 166 18.85 -24.56 38.24
N ALA D 167 19.68 -23.80 38.96
CA ALA D 167 19.32 -22.43 39.30
C ALA D 167 20.52 -21.69 39.87
N ALA D 168 20.93 -20.66 39.14
CA ALA D 168 22.08 -19.84 39.49
C ALA D 168 22.00 -19.32 40.90
N GLY D 169 22.99 -19.71 41.70
CA GLY D 169 23.04 -19.28 43.09
C GLY D 169 24.43 -19.33 43.69
N VAL D 170 24.66 -20.31 44.55
CA VAL D 170 25.94 -20.47 45.21
C VAL D 170 26.71 -21.64 44.63
N ASN D 171 25.98 -22.71 44.33
CA ASN D 171 26.57 -23.92 43.77
C ASN D 171 26.58 -23.91 42.23
N THR D 172 25.94 -22.90 41.64
CA THR D 172 25.88 -22.75 40.19
C THR D 172 26.22 -21.30 39.81
N THR D 173 27.32 -21.12 39.08
CA THR D 173 27.77 -19.80 38.66
C THR D 173 27.05 -19.34 37.41
N ASP D 174 27.27 -18.08 37.04
CA ASP D 174 26.62 -17.51 35.88
C ASP D 174 27.02 -18.17 34.55
N LYS D 175 28.31 -18.36 34.34
CA LYS D 175 28.78 -19.01 33.11
C LYS D 175 28.25 -20.44 33.06
N GLU D 176 28.01 -21.02 34.23
CA GLU D 176 27.50 -22.37 34.30
C GLU D 176 26.01 -22.39 33.97
N ILE D 177 25.27 -21.50 34.60
CA ILE D 177 23.83 -21.43 34.39
C ILE D 177 23.47 -21.21 32.93
N GLU D 178 24.33 -20.48 32.21
CA GLU D 178 24.09 -20.18 30.79
C GLU D 178 23.74 -21.40 29.96
N VAL D 179 24.50 -22.48 30.12
CA VAL D 179 24.25 -23.70 29.36
C VAL D 179 23.73 -24.84 30.22
N LEU D 180 22.57 -25.39 29.86
CA LEU D 180 21.97 -26.52 30.59
C LEU D 180 22.20 -27.83 29.87
N TYR D 181 23.07 -28.68 30.40
CA TYR D 181 23.34 -29.96 29.75
C TYR D 181 22.40 -31.07 30.23
N ILE D 182 22.25 -32.11 29.43
CA ILE D 182 21.40 -33.25 29.77
C ILE D 182 22.02 -34.55 29.25
N ARG D 183 22.97 -35.12 29.98
CA ARG D 183 23.66 -36.33 29.55
C ARG D 183 22.79 -37.59 29.44
N ASN D 184 23.08 -38.42 28.44
CA ASN D 184 22.37 -39.67 28.18
C ASN D 184 20.88 -39.50 28.49
N VAL D 185 20.20 -38.89 27.52
CA VAL D 185 18.79 -38.59 27.60
C VAL D 185 17.92 -39.84 27.75
N THR D 186 16.63 -39.61 27.86
CA THR D 186 15.64 -40.66 28.00
C THR D 186 14.34 -40.08 27.46
N PHE D 187 13.36 -40.94 27.21
CA PHE D 187 12.07 -40.50 26.69
C PHE D 187 11.28 -39.72 27.74
N GLU D 188 11.82 -39.65 28.95
CA GLU D 188 11.18 -38.91 30.03
C GLU D 188 11.62 -37.45 29.95
N ASP D 189 12.87 -37.23 29.57
CA ASP D 189 13.41 -35.88 29.45
C ASP D 189 12.71 -35.03 28.39
N ALA D 190 11.99 -35.69 27.49
CA ALA D 190 11.27 -34.98 26.43
C ALA D 190 10.23 -34.02 27.02
N GLY D 191 10.29 -32.77 26.57
CA GLY D 191 9.35 -31.77 27.06
C GLY D 191 9.77 -30.32 26.91
N GLU D 192 9.11 -29.45 27.68
CA GLU D 192 9.36 -28.00 27.65
C GLU D 192 10.31 -27.48 28.74
N TYR D 193 11.51 -27.14 28.31
CA TYR D 193 12.54 -26.58 29.18
C TYR D 193 12.40 -25.05 29.09
N THR D 194 12.36 -24.37 30.23
CA THR D 194 12.23 -22.92 30.21
C THR D 194 13.38 -22.21 30.89
N CYS D 195 13.75 -21.04 30.36
CA CYS D 195 14.81 -20.25 30.93
C CYS D 195 14.12 -19.02 31.46
N LEU D 196 14.03 -18.92 32.78
CA LEU D 196 13.39 -17.75 33.38
C LEU D 196 14.51 -16.96 34.03
N ALA D 197 14.50 -15.66 33.81
CA ALA D 197 15.54 -14.81 34.37
C ALA D 197 14.89 -13.55 34.84
N GLY D 198 15.44 -12.93 35.88
CA GLY D 198 14.84 -11.71 36.37
C GLY D 198 15.78 -10.90 37.25
N ASN D 199 15.32 -9.68 37.52
CA ASN D 199 16.01 -8.70 38.35
C ASN D 199 14.97 -7.76 38.96
N SER D 200 15.43 -6.98 39.92
CA SER D 200 14.60 -6.01 40.62
C SER D 200 13.59 -5.28 39.75
N ILE D 201 13.86 -5.14 38.46
CA ILE D 201 12.93 -4.43 37.58
C ILE D 201 11.89 -5.35 36.94
N GLY D 202 12.27 -6.57 36.58
CA GLY D 202 11.31 -7.48 35.98
C GLY D 202 11.87 -8.85 35.65
N ILE D 203 11.14 -9.59 34.82
CA ILE D 203 11.56 -10.91 34.39
C ILE D 203 11.08 -11.19 32.96
N SER D 204 11.79 -12.10 32.30
CA SER D 204 11.51 -12.52 30.95
C SER D 204 11.78 -14.01 30.93
N PHE D 205 11.39 -14.72 29.88
CA PHE D 205 11.62 -16.16 29.84
C PHE D 205 11.21 -16.70 28.50
N HIS D 206 11.99 -17.65 27.99
CA HIS D 206 11.70 -18.28 26.70
C HIS D 206 11.87 -19.78 26.87
N SER D 207 11.01 -20.54 26.20
CA SER D 207 11.04 -21.99 26.29
C SER D 207 11.75 -22.67 25.12
N ALA D 208 11.94 -23.98 25.23
CA ALA D 208 12.61 -24.77 24.20
C ALA D 208 12.14 -26.22 24.35
N TRP D 209 11.98 -26.91 23.23
CA TRP D 209 11.51 -28.29 23.28
C TRP D 209 12.55 -29.32 22.88
N LEU D 210 12.78 -30.30 23.76
CA LEU D 210 13.71 -31.40 23.51
C LEU D 210 12.89 -32.60 23.09
N THR D 211 13.01 -32.97 21.82
CA THR D 211 12.28 -34.12 21.30
C THR D 211 13.18 -35.34 21.35
N VAL D 212 12.68 -36.42 21.96
CA VAL D 212 13.45 -37.64 22.08
C VAL D 212 13.14 -38.60 20.96
N LEU D 213 14.19 -39.16 20.38
CA LEU D 213 14.06 -40.08 19.26
C LEU D 213 14.38 -41.53 19.56
#